data_5AHT
#
_entry.id   5AHT
#
_cell.length_a   1.000
_cell.length_b   1.000
_cell.length_c   1.000
_cell.angle_alpha   90.00
_cell.angle_beta   90.00
_cell.angle_gamma   90.00
#
_symmetry.space_group_name_H-M   'P 1'
#
_entity_poly.entity_id   1
_entity_poly.type   'polypeptide(L)'
_entity_poly.pdbx_seq_one_letter_code
;GSMEQGFLPKGWEVRHAPNGRPFFIDHNTKTTTWEDPRLKIPA
;
_entity_poly.pdbx_strand_id   A
#
# COMPACT_ATOMS: atom_id res chain seq x y z
N GLY A 1 -6.96 14.78 -10.46
CA GLY A 1 -6.26 14.11 -11.57
C GLY A 1 -5.94 12.67 -11.27
N SER A 2 -4.68 12.30 -11.38
CA SER A 2 -4.28 10.91 -11.21
C SER A 2 -3.42 10.72 -9.96
N MET A 3 -3.30 11.76 -9.14
CA MET A 3 -2.55 11.65 -7.90
C MET A 3 -3.31 10.80 -6.89
N GLU A 4 -4.63 10.94 -6.87
CA GLU A 4 -5.45 10.16 -5.96
C GLU A 4 -5.73 8.78 -6.54
N GLN A 5 -5.29 8.55 -7.77
CA GLN A 5 -5.50 7.28 -8.43
C GLN A 5 -4.32 6.35 -8.21
N GLY A 6 -3.26 6.88 -7.63
CA GLY A 6 -2.07 6.08 -7.43
C GLY A 6 -1.15 6.65 -6.36
N PHE A 7 -1.37 6.24 -5.13
CA PHE A 7 -0.51 6.63 -4.02
C PHE A 7 0.60 5.60 -3.86
N LEU A 8 0.25 4.36 -4.14
CA LEU A 8 1.17 3.25 -4.04
C LEU A 8 1.44 2.71 -5.44
N PRO A 9 2.44 1.80 -5.59
CA PRO A 9 2.68 1.14 -6.87
C PRO A 9 1.45 0.38 -7.34
N LYS A 10 1.37 0.16 -8.65
CA LYS A 10 0.17 -0.42 -9.24
C LYS A 10 -0.09 -1.81 -8.70
N GLY A 11 -1.21 -1.96 -8.01
CA GLY A 11 -1.55 -3.22 -7.40
C GLY A 11 -1.46 -3.16 -5.89
N TRP A 12 -0.73 -2.17 -5.38
CA TRP A 12 -0.59 -1.98 -3.94
C TRP A 12 -1.71 -1.10 -3.41
N GLU A 13 -2.11 -1.37 -2.18
CA GLU A 13 -3.19 -0.62 -1.56
C GLU A 13 -2.97 -0.56 -0.06
N VAL A 14 -3.28 0.58 0.56
CA VAL A 14 -3.11 0.74 2.00
C VAL A 14 -4.45 0.57 2.71
N ARG A 15 -4.42 -0.19 3.79
CA ARG A 15 -5.60 -0.45 4.59
C ARG A 15 -5.31 -0.22 6.06
N HIS A 16 -6.27 0.27 6.80
CA HIS A 16 -6.08 0.57 8.22
C HIS A 16 -6.67 -0.54 9.09
N ALA A 17 -5.86 -1.04 10.01
CA ALA A 17 -6.30 -2.08 10.93
C ALA A 17 -7.03 -1.45 12.11
N PRO A 18 -7.76 -2.24 12.93
CA PRO A 18 -8.46 -1.72 14.11
C PRO A 18 -7.57 -0.87 15.01
N ASN A 19 -6.31 -1.25 15.12
CA ASN A 19 -5.34 -0.53 15.95
C ASN A 19 -5.03 0.86 15.38
N GLY A 20 -5.42 1.10 14.15
CA GLY A 20 -5.23 2.41 13.55
C GLY A 20 -3.99 2.49 12.69
N ARG A 21 -3.25 1.39 12.61
CA ARG A 21 -2.05 1.36 11.81
C ARG A 21 -2.36 0.87 10.40
N PRO A 22 -1.73 1.51 9.40
CA PRO A 22 -1.91 1.14 8.00
C PRO A 22 -0.99 0.00 7.57
N PHE A 23 -1.57 -1.03 6.98
CA PHE A 23 -0.80 -2.10 6.39
C PHE A 23 -0.99 -2.06 4.89
N PHE A 24 -0.06 -2.63 4.15
CA PHE A 24 -0.09 -2.53 2.71
C PHE A 24 -0.21 -3.90 2.07
N ILE A 25 -1.14 -4.01 1.13
CA ILE A 25 -1.37 -5.26 0.43
C ILE A 25 -1.10 -5.11 -1.05
N ASP A 26 -0.35 -6.05 -1.60
CA ASP A 26 -0.09 -6.13 -3.01
C ASP A 26 -1.07 -7.08 -3.66
N HIS A 27 -1.96 -6.56 -4.47
CA HIS A 27 -2.98 -7.37 -5.11
C HIS A 27 -2.39 -8.23 -6.22
N ASN A 28 -1.18 -7.86 -6.67
CA ASN A 28 -0.51 -8.58 -7.76
C ASN A 28 -0.19 -10.00 -7.34
N THR A 29 0.64 -10.13 -6.31
CA THR A 29 1.07 -11.44 -5.84
C THR A 29 0.37 -11.82 -4.54
N LYS A 30 -0.60 -10.98 -4.15
CA LYS A 30 -1.38 -11.19 -2.93
C LYS A 30 -0.49 -11.18 -1.70
N THR A 31 0.43 -10.22 -1.68
CA THR A 31 1.38 -10.11 -0.58
C THR A 31 0.96 -9.00 0.38
N THR A 32 0.75 -9.36 1.63
CA THR A 32 0.39 -8.39 2.65
C THR A 32 1.48 -8.31 3.71
N THR A 33 1.93 -7.11 4.01
CA THR A 33 3.02 -6.91 4.94
C THR A 33 2.91 -5.54 5.60
N TRP A 34 3.63 -5.35 6.71
CA TRP A 34 3.69 -4.06 7.35
C TRP A 34 4.95 -3.34 6.95
N GLU A 35 4.77 -2.31 6.14
CA GLU A 35 5.85 -1.51 5.60
C GLU A 35 5.32 -0.15 5.21
N ASP A 36 6.17 0.71 4.69
CA ASP A 36 5.71 1.96 4.11
C ASP A 36 6.42 2.19 2.78
N PRO A 37 5.84 1.68 1.67
CA PRO A 37 6.42 1.80 0.34
C PRO A 37 6.61 3.25 -0.10
N ARG A 38 5.92 4.16 0.58
CA ARG A 38 5.97 5.57 0.22
C ARG A 38 7.28 6.18 0.67
N LEU A 39 7.91 5.54 1.65
CA LEU A 39 9.16 6.02 2.19
C LEU A 39 10.35 5.45 1.43
N LYS A 40 10.08 4.49 0.57
CA LYS A 40 11.14 3.85 -0.21
C LYS A 40 10.98 4.15 -1.69
N ILE A 41 9.75 4.03 -2.18
CA ILE A 41 9.46 4.23 -3.59
C ILE A 41 9.25 5.72 -3.88
N PRO A 42 10.17 6.31 -4.66
CA PRO A 42 10.09 7.72 -5.04
C PRO A 42 9.22 7.93 -6.27
N ALA A 43 7.91 7.83 -6.08
CA ALA A 43 6.97 7.99 -7.18
C ALA A 43 6.45 9.41 -7.22
N GLY A 1 -15.94 6.30 -2.34
CA GLY A 1 -15.70 5.98 -3.77
C GLY A 1 -14.24 6.07 -4.13
N SER A 2 -13.90 6.99 -5.01
CA SER A 2 -12.52 7.20 -5.40
C SER A 2 -11.88 8.28 -4.54
N MET A 3 -11.27 7.87 -3.43
CA MET A 3 -10.62 8.79 -2.53
C MET A 3 -9.36 8.18 -1.93
N GLU A 4 -9.54 7.11 -1.18
CA GLU A 4 -8.43 6.46 -0.49
C GLU A 4 -8.07 5.13 -1.15
N GLN A 5 -8.27 5.07 -2.46
CA GLN A 5 -7.92 3.90 -3.23
C GLN A 5 -6.96 4.27 -4.35
N GLY A 6 -6.04 3.38 -4.66
CA GLY A 6 -5.02 3.69 -5.64
C GLY A 6 -4.04 4.69 -5.09
N PHE A 7 -3.71 4.52 -3.82
CA PHE A 7 -2.87 5.47 -3.11
C PHE A 7 -1.39 5.13 -3.28
N LEU A 8 -1.12 3.85 -3.49
CA LEU A 8 0.24 3.36 -3.58
C LEU A 8 0.58 3.00 -5.03
N PRO A 9 1.82 2.50 -5.31
CA PRO A 9 2.19 2.08 -6.68
C PRO A 9 1.26 0.99 -7.23
N LYS A 10 1.42 0.69 -8.51
CA LYS A 10 0.57 -0.28 -9.17
C LYS A 10 0.52 -1.61 -8.42
N GLY A 11 -0.69 -2.04 -8.11
CA GLY A 11 -0.88 -3.28 -7.39
C GLY A 11 -0.99 -3.09 -5.91
N TRP A 12 -0.34 -2.05 -5.40
CA TRP A 12 -0.33 -1.80 -3.96
C TRP A 12 -1.58 -1.03 -3.53
N GLU A 13 -1.95 -1.20 -2.28
CA GLU A 13 -3.06 -0.46 -1.69
C GLU A 13 -2.86 -0.38 -0.18
N VAL A 14 -3.37 0.67 0.44
CA VAL A 14 -3.22 0.85 1.87
C VAL A 14 -4.57 0.77 2.57
N ARG A 15 -4.59 0.16 3.74
CA ARG A 15 -5.81 0.05 4.53
C ARG A 15 -5.49 0.29 6.00
N HIS A 16 -6.45 0.80 6.74
CA HIS A 16 -6.27 1.02 8.17
C HIS A 16 -6.77 -0.16 8.97
N ALA A 17 -5.93 -0.67 9.86
CA ALA A 17 -6.30 -1.77 10.73
C ALA A 17 -7.08 -1.25 11.93
N PRO A 18 -7.76 -2.12 12.71
CA PRO A 18 -8.49 -1.70 13.91
C PRO A 18 -7.66 -0.79 14.84
N ASN A 19 -6.36 -1.08 14.94
CA ASN A 19 -5.45 -0.29 15.77
C ASN A 19 -5.26 1.13 15.22
N GLY A 20 -5.75 1.37 14.01
CA GLY A 20 -5.67 2.69 13.42
C GLY A 20 -4.49 2.85 12.50
N ARG A 21 -3.59 1.88 12.53
CA ARG A 21 -2.38 1.95 11.73
C ARG A 21 -2.64 1.36 10.34
N PRO A 22 -2.03 1.94 9.32
CA PRO A 22 -2.19 1.50 7.94
C PRO A 22 -1.27 0.34 7.58
N PHE A 23 -1.86 -0.72 7.04
CA PHE A 23 -1.09 -1.84 6.51
C PHE A 23 -1.18 -1.82 5.00
N PHE A 24 -0.24 -2.48 4.33
CA PHE A 24 -0.16 -2.38 2.89
C PHE A 24 -0.34 -3.76 2.25
N ILE A 25 -1.21 -3.81 1.25
CA ILE A 25 -1.47 -5.04 0.54
C ILE A 25 -1.04 -4.93 -0.92
N ASP A 26 -0.24 -5.89 -1.35
CA ASP A 26 0.20 -5.94 -2.73
C ASP A 26 -0.65 -6.92 -3.52
N HIS A 27 -1.26 -6.43 -4.58
CA HIS A 27 -2.11 -7.25 -5.42
C HIS A 27 -1.33 -7.84 -6.58
N ASN A 28 -0.05 -7.51 -6.68
CA ASN A 28 0.79 -8.04 -7.75
C ASN A 28 1.09 -9.50 -7.49
N THR A 29 1.75 -9.79 -6.38
CA THR A 29 2.07 -11.15 -6.01
C THR A 29 1.14 -11.64 -4.90
N LYS A 30 0.14 -10.81 -4.60
CA LYS A 30 -0.90 -11.13 -3.61
C LYS A 30 -0.29 -11.33 -2.23
N THR A 31 0.46 -10.35 -1.77
CA THR A 31 1.11 -10.44 -0.46
C THR A 31 0.79 -9.21 0.38
N THR A 32 0.18 -9.44 1.53
CA THR A 32 -0.13 -8.38 2.46
C THR A 32 0.93 -8.35 3.56
N THR A 33 1.38 -7.16 3.95
CA THR A 33 2.43 -7.05 4.94
C THR A 33 2.52 -5.62 5.46
N TRP A 34 3.20 -5.46 6.58
CA TRP A 34 3.51 -4.15 7.09
C TRP A 34 4.85 -3.70 6.53
N GLU A 35 4.80 -2.72 5.64
CA GLU A 35 5.97 -2.25 4.93
C GLU A 35 5.73 -0.83 4.46
N ASP A 36 6.77 -0.09 4.20
CA ASP A 36 6.62 1.26 3.68
C ASP A 36 7.24 1.34 2.29
N PRO A 37 6.41 1.23 1.24
CA PRO A 37 6.88 1.27 -0.15
C PRO A 37 7.57 2.59 -0.49
N ARG A 38 7.27 3.63 0.27
CA ARG A 38 7.79 4.96 -0.01
C ARG A 38 9.28 5.05 0.32
N LEU A 39 9.71 4.20 1.24
CA LEU A 39 11.09 4.19 1.69
C LEU A 39 12.00 3.54 0.66
N LYS A 40 11.47 2.58 -0.07
CA LYS A 40 12.28 1.86 -1.07
C LYS A 40 12.01 2.42 -2.46
N ILE A 41 10.77 2.79 -2.71
CA ILE A 41 10.36 3.32 -3.99
C ILE A 41 10.26 4.84 -3.89
N PRO A 42 11.11 5.57 -4.63
CA PRO A 42 11.13 7.04 -4.61
C PRO A 42 9.97 7.65 -5.38
N ALA A 43 8.77 7.20 -5.06
CA ALA A 43 7.56 7.72 -5.68
C ALA A 43 6.66 8.32 -4.62
N GLY A 1 -2.86 6.40 -17.67
CA GLY A 1 -3.34 5.37 -16.71
C GLY A 1 -2.45 5.31 -15.48
N SER A 2 -2.57 4.20 -14.75
CA SER A 2 -1.76 3.94 -13.54
C SER A 2 -1.83 5.10 -12.55
N MET A 3 -2.98 5.74 -12.46
CA MET A 3 -3.17 6.87 -11.55
C MET A 3 -4.19 6.55 -10.48
N GLU A 4 -4.73 5.34 -10.51
CA GLU A 4 -5.67 4.90 -9.49
C GLU A 4 -4.93 4.25 -8.32
N GLN A 5 -3.64 4.52 -8.25
CA GLN A 5 -2.80 3.96 -7.21
C GLN A 5 -2.60 4.99 -6.10
N GLY A 6 -2.86 6.25 -6.45
CA GLY A 6 -2.76 7.33 -5.49
C GLY A 6 -1.34 7.66 -5.13
N PHE A 7 -0.87 7.07 -4.03
CA PHE A 7 0.47 7.35 -3.53
C PHE A 7 1.30 6.07 -3.51
N LEU A 8 0.70 4.98 -3.93
CA LEU A 8 1.36 3.68 -3.86
C LEU A 8 1.65 3.16 -5.26
N PRO A 9 2.54 2.16 -5.38
CA PRO A 9 2.84 1.51 -6.66
C PRO A 9 1.61 0.78 -7.21
N LYS A 10 1.71 0.39 -8.48
CA LYS A 10 0.61 -0.25 -9.17
C LYS A 10 0.20 -1.56 -8.50
N GLY A 11 -1.05 -1.63 -8.10
CA GLY A 11 -1.58 -2.85 -7.52
C GLY A 11 -1.56 -2.83 -6.01
N TRP A 12 -1.01 -1.76 -5.45
CA TRP A 12 -0.92 -1.64 -4.01
C TRP A 12 -2.10 -0.88 -3.45
N GLU A 13 -2.45 -1.19 -2.22
CA GLU A 13 -3.56 -0.55 -1.52
C GLU A 13 -3.25 -0.48 -0.03
N VAL A 14 -3.69 0.60 0.60
CA VAL A 14 -3.46 0.78 2.03
C VAL A 14 -4.70 0.39 2.82
N ARG A 15 -4.51 -0.37 3.87
CA ARG A 15 -5.59 -0.78 4.74
C ARG A 15 -5.31 -0.32 6.16
N HIS A 16 -6.31 -0.35 7.00
CA HIS A 16 -6.15 0.07 8.38
C HIS A 16 -6.61 -1.04 9.33
N ALA A 17 -5.78 -1.34 10.32
CA ALA A 17 -6.13 -2.35 11.30
C ALA A 17 -6.97 -1.73 12.43
N PRO A 18 -7.65 -2.55 13.26
CA PRO A 18 -8.48 -2.04 14.37
C PRO A 18 -7.75 -1.04 15.27
N ASN A 19 -6.43 -1.20 15.40
CA ASN A 19 -5.63 -0.33 16.24
C ASN A 19 -5.30 0.99 15.54
N GLY A 20 -5.80 1.14 14.31
CA GLY A 20 -5.62 2.38 13.58
C GLY A 20 -4.32 2.44 12.83
N ARG A 21 -3.56 1.35 12.87
CA ARG A 21 -2.29 1.30 12.18
C ARG A 21 -2.48 0.78 10.76
N PRO A 22 -1.95 1.51 9.77
CA PRO A 22 -2.10 1.14 8.35
C PRO A 22 -1.11 0.07 7.91
N PHE A 23 -1.58 -0.83 7.08
CA PHE A 23 -0.74 -1.83 6.46
C PHE A 23 -1.01 -1.86 4.97
N PHE A 24 -0.07 -2.36 4.20
CA PHE A 24 -0.17 -2.30 2.75
C PHE A 24 -0.24 -3.68 2.15
N ILE A 25 -1.13 -3.84 1.19
CA ILE A 25 -1.32 -5.11 0.52
C ILE A 25 -1.12 -4.97 -0.99
N ASP A 26 -0.34 -5.88 -1.54
CA ASP A 26 -0.09 -5.93 -2.97
C ASP A 26 -1.09 -6.87 -3.62
N HIS A 27 -1.88 -6.36 -4.54
CA HIS A 27 -2.91 -7.16 -5.19
C HIS A 27 -2.36 -7.87 -6.41
N ASN A 28 -1.11 -7.59 -6.75
CA ASN A 28 -0.48 -8.20 -7.92
C ASN A 28 -0.19 -9.67 -7.64
N THR A 29 0.58 -9.93 -6.59
CA THR A 29 0.93 -11.30 -6.24
C THR A 29 0.25 -11.72 -4.93
N LYS A 30 -0.58 -10.82 -4.42
CA LYS A 30 -1.39 -11.07 -3.23
C LYS A 30 -0.52 -11.24 -1.99
N THR A 31 0.28 -10.24 -1.69
CA THR A 31 1.13 -10.29 -0.51
C THR A 31 0.85 -9.08 0.38
N THR A 32 0.96 -9.28 1.68
CA THR A 32 0.68 -8.23 2.64
C THR A 32 1.92 -7.95 3.49
N THR A 33 2.17 -6.68 3.79
CA THR A 33 3.37 -6.29 4.52
C THR A 33 3.12 -5.03 5.34
N TRP A 34 3.74 -4.95 6.52
CA TRP A 34 3.70 -3.73 7.29
C TRP A 34 4.95 -2.92 7.00
N GLU A 35 4.77 -1.87 6.22
CA GLU A 35 5.86 -1.00 5.83
C GLU A 35 5.29 0.31 5.33
N ASP A 36 6.14 1.11 4.70
CA ASP A 36 5.68 2.25 3.93
C ASP A 36 6.39 2.25 2.58
N PRO A 37 5.73 1.73 1.54
CA PRO A 37 6.33 1.62 0.19
C PRO A 37 6.77 2.97 -0.37
N ARG A 38 6.23 4.03 0.20
CA ARG A 38 6.52 5.38 -0.28
C ARG A 38 7.90 5.82 0.18
N LEU A 39 8.49 5.05 1.07
CA LEU A 39 9.79 5.37 1.63
C LEU A 39 10.90 4.56 0.97
N LYS A 40 10.53 3.59 0.16
CA LYS A 40 11.52 2.74 -0.51
C LYS A 40 11.30 2.72 -2.03
N ILE A 41 10.05 2.87 -2.44
CA ILE A 41 9.72 2.87 -3.86
C ILE A 41 9.52 4.30 -4.33
N PRO A 42 10.22 4.71 -5.40
CA PRO A 42 10.05 6.03 -6.02
C PRO A 42 8.73 6.14 -6.78
N ALA A 43 7.63 5.96 -6.05
CA ALA A 43 6.31 6.03 -6.65
C ALA A 43 5.89 7.48 -6.82
N GLY A 1 5.03 12.65 -12.71
CA GLY A 1 3.57 12.84 -12.87
C GLY A 1 2.81 11.56 -12.59
N SER A 2 1.48 11.67 -12.57
CA SER A 2 0.62 10.53 -12.28
C SER A 2 0.91 9.98 -10.89
N MET A 3 0.91 10.86 -9.91
CA MET A 3 1.20 10.47 -8.53
C MET A 3 -0.02 9.85 -7.87
N GLU A 4 -1.18 10.22 -8.36
CA GLU A 4 -2.43 9.76 -7.77
C GLU A 4 -3.13 8.77 -8.67
N GLN A 5 -2.45 7.67 -8.97
CA GLN A 5 -3.06 6.58 -9.70
C GLN A 5 -3.73 5.64 -8.71
N GLY A 6 -3.05 5.41 -7.60
CA GLY A 6 -3.60 4.59 -6.54
C GLY A 6 -2.84 4.74 -5.24
N PHE A 7 -2.26 5.94 -5.06
CA PHE A 7 -1.41 6.25 -3.89
C PHE A 7 -0.12 5.44 -3.91
N LEU A 8 -0.28 4.13 -3.77
CA LEU A 8 0.83 3.21 -3.73
C LEU A 8 1.05 2.64 -5.14
N PRO A 9 2.11 1.83 -5.35
CA PRO A 9 2.38 1.25 -6.67
C PRO A 9 1.21 0.41 -7.21
N LYS A 10 1.22 0.20 -8.52
CA LYS A 10 0.14 -0.48 -9.21
C LYS A 10 -0.12 -1.87 -8.63
N GLY A 11 -1.30 -2.03 -8.07
CA GLY A 11 -1.69 -3.31 -7.50
C GLY A 11 -1.68 -3.28 -5.98
N TRP A 12 -1.08 -2.25 -5.42
CA TRP A 12 -1.02 -2.10 -3.97
C TRP A 12 -2.20 -1.28 -3.47
N GLU A 13 -2.58 -1.51 -2.22
CA GLU A 13 -3.65 -0.76 -1.59
C GLU A 13 -3.34 -0.60 -0.10
N VAL A 14 -3.76 0.53 0.45
CA VAL A 14 -3.50 0.81 1.86
C VAL A 14 -4.79 0.69 2.68
N ARG A 15 -4.70 -0.04 3.77
CA ARG A 15 -5.83 -0.25 4.66
C ARG A 15 -5.40 -0.03 6.10
N HIS A 16 -6.33 0.45 6.91
CA HIS A 16 -6.02 0.72 8.32
C HIS A 16 -6.53 -0.41 9.20
N ALA A 17 -5.63 -0.97 9.97
CA ALA A 17 -5.96 -2.09 10.86
C ALA A 17 -6.59 -1.57 12.15
N PRO A 18 -7.22 -2.43 12.96
CA PRO A 18 -7.82 -2.03 14.25
C PRO A 18 -6.88 -1.16 15.11
N ASN A 19 -5.58 -1.41 15.02
CA ASN A 19 -4.58 -0.65 15.79
C ASN A 19 -4.48 0.79 15.28
N GLY A 20 -5.14 1.10 14.18
CA GLY A 20 -5.15 2.44 13.64
C GLY A 20 -4.01 2.68 12.68
N ARG A 21 -3.22 1.65 12.44
CA ARG A 21 -2.06 1.76 11.58
C ARG A 21 -2.38 1.21 10.19
N PRO A 22 -1.80 1.82 9.15
CA PRO A 22 -2.02 1.38 7.78
C PRO A 22 -1.07 0.27 7.34
N PHE A 23 -1.63 -0.82 6.86
CA PHE A 23 -0.84 -1.89 6.29
C PHE A 23 -1.01 -1.87 4.78
N PHE A 24 -0.08 -2.49 4.07
CA PHE A 24 -0.06 -2.42 2.63
C PHE A 24 -0.19 -3.80 2.02
N ILE A 25 -1.21 -3.96 1.19
CA ILE A 25 -1.47 -5.25 0.55
C ILE A 25 -1.25 -5.17 -0.95
N ASP A 26 -0.48 -6.11 -1.46
CA ASP A 26 -0.21 -6.21 -2.87
C ASP A 26 -1.17 -7.21 -3.49
N HIS A 27 -1.94 -6.78 -4.48
CA HIS A 27 -2.92 -7.64 -5.10
C HIS A 27 -2.34 -8.33 -6.34
N ASN A 28 -1.07 -8.05 -6.64
CA ASN A 28 -0.40 -8.69 -7.76
C ASN A 28 -0.04 -10.13 -7.37
N THR A 29 0.71 -10.26 -6.29
CA THR A 29 1.15 -11.55 -5.80
C THR A 29 0.34 -11.98 -4.58
N LYS A 30 -0.61 -11.12 -4.21
CA LYS A 30 -1.49 -11.36 -3.06
C LYS A 30 -0.67 -11.36 -1.76
N THR A 31 0.29 -10.46 -1.70
CA THR A 31 1.16 -10.33 -0.54
C THR A 31 0.61 -9.29 0.43
N THR A 32 0.77 -9.55 1.72
CA THR A 32 0.37 -8.59 2.74
C THR A 32 1.46 -8.48 3.80
N THR A 33 2.02 -7.29 3.95
CA THR A 33 3.13 -7.07 4.85
C THR A 33 3.15 -5.62 5.30
N TRP A 34 3.77 -5.36 6.44
CA TRP A 34 3.94 -3.99 6.89
C TRP A 34 5.27 -3.45 6.39
N GLU A 35 5.20 -2.59 5.39
CA GLU A 35 6.37 -1.91 4.86
C GLU A 35 5.92 -0.67 4.11
N ASP A 36 6.09 0.49 4.72
CA ASP A 36 5.62 1.73 4.14
C ASP A 36 6.41 2.09 2.88
N PRO A 37 5.77 2.02 1.70
CA PRO A 37 6.43 2.31 0.42
C PRO A 37 6.80 3.77 0.28
N ARG A 38 6.18 4.63 1.10
CA ARG A 38 6.41 6.06 1.02
C ARG A 38 7.81 6.40 1.49
N LEU A 39 8.33 5.57 2.38
CA LEU A 39 9.65 5.77 2.94
C LEU A 39 10.73 5.39 1.94
N LYS A 40 10.36 4.54 0.98
CA LYS A 40 11.30 4.07 -0.03
C LYS A 40 11.09 4.80 -1.35
N ILE A 41 9.83 5.04 -1.66
CA ILE A 41 9.44 5.70 -2.90
C ILE A 41 8.93 7.10 -2.62
N PRO A 42 9.75 8.12 -2.91
CA PRO A 42 9.37 9.52 -2.74
C PRO A 42 8.37 9.97 -3.79
N ALA A 43 7.10 10.03 -3.42
CA ALA A 43 6.06 10.47 -4.32
C ALA A 43 5.52 11.83 -3.90
N GLY A 1 -3.26 1.67 -16.92
CA GLY A 1 -4.44 1.26 -16.11
C GLY A 1 -4.88 2.36 -15.15
N SER A 2 -6.09 2.25 -14.65
CA SER A 2 -6.64 3.25 -13.75
C SER A 2 -7.30 2.59 -12.54
N MET A 3 -7.49 3.39 -11.48
CA MET A 3 -8.09 2.95 -10.20
C MET A 3 -7.36 1.74 -9.60
N GLU A 4 -6.14 1.49 -10.07
CA GLU A 4 -5.32 0.42 -9.54
C GLU A 4 -4.12 1.01 -8.82
N GLN A 5 -4.03 2.32 -8.84
CA GLN A 5 -2.94 3.05 -8.22
C GLN A 5 -3.47 4.35 -7.63
N GLY A 6 -2.65 5.00 -6.83
CA GLY A 6 -3.03 6.27 -6.24
C GLY A 6 -1.86 6.95 -5.57
N PHE A 7 -1.69 6.68 -4.30
CA PHE A 7 -0.53 7.18 -3.58
C PHE A 7 0.55 6.10 -3.59
N LEU A 8 0.10 4.87 -3.62
CA LEU A 8 0.97 3.72 -3.69
C LEU A 8 1.06 3.23 -5.14
N PRO A 9 2.02 2.34 -5.45
CA PRO A 9 2.17 1.78 -6.80
C PRO A 9 0.93 0.98 -7.24
N LYS A 10 0.92 0.61 -8.50
CA LYS A 10 -0.21 -0.11 -9.07
C LYS A 10 -0.33 -1.51 -8.46
N GLY A 11 -1.54 -1.85 -8.07
CA GLY A 11 -1.79 -3.15 -7.49
C GLY A 11 -1.70 -3.12 -5.98
N TRP A 12 -1.04 -2.11 -5.46
CA TRP A 12 -0.92 -1.93 -4.03
C TRP A 12 -2.16 -1.25 -3.47
N GLU A 13 -2.39 -1.43 -2.18
CA GLU A 13 -3.54 -0.85 -1.53
C GLU A 13 -3.25 -0.65 -0.05
N VAL A 14 -3.41 0.58 0.43
CA VAL A 14 -3.16 0.88 1.82
C VAL A 14 -4.46 0.82 2.61
N ARG A 15 -4.45 0.04 3.68
CA ARG A 15 -5.63 -0.16 4.50
C ARG A 15 -5.31 0.06 5.97
N HIS A 16 -6.27 0.60 6.70
CA HIS A 16 -6.07 0.91 8.11
C HIS A 16 -6.60 -0.23 8.98
N ALA A 17 -5.77 -0.71 9.88
CA ALA A 17 -6.16 -1.78 10.77
C ALA A 17 -6.72 -1.22 12.08
N PRO A 18 -7.40 -2.04 12.90
CA PRO A 18 -7.94 -1.60 14.21
C PRO A 18 -6.90 -0.91 15.09
N ASN A 19 -5.63 -1.28 14.91
CA ASN A 19 -4.54 -0.70 15.69
C ASN A 19 -4.29 0.75 15.30
N GLY A 20 -4.95 1.19 14.24
CA GLY A 20 -4.87 2.58 13.82
C GLY A 20 -3.83 2.81 12.75
N ARG A 21 -2.99 1.81 12.52
CA ARG A 21 -1.92 1.94 11.56
C ARG A 21 -2.31 1.31 10.23
N PRO A 22 -1.87 1.93 9.13
CA PRO A 22 -2.10 1.41 7.79
C PRO A 22 -1.10 0.32 7.40
N PHE A 23 -1.61 -0.74 6.83
CA PHE A 23 -0.78 -1.80 6.28
C PHE A 23 -0.88 -1.77 4.77
N PHE A 24 0.06 -2.40 4.10
CA PHE A 24 0.14 -2.30 2.65
C PHE A 24 0.04 -3.68 2.01
N ILE A 25 -1.06 -3.92 1.32
CA ILE A 25 -1.28 -5.19 0.67
C ILE A 25 -1.07 -5.07 -0.84
N ASP A 26 -0.30 -6.00 -1.39
CA ASP A 26 -0.06 -6.04 -2.82
C ASP A 26 -1.00 -7.05 -3.47
N HIS A 27 -1.85 -6.56 -4.34
CA HIS A 27 -2.82 -7.43 -5.01
C HIS A 27 -2.22 -8.05 -6.25
N ASN A 28 -1.00 -7.64 -6.61
CA ASN A 28 -0.33 -8.20 -7.77
C ASN A 28 0.09 -9.64 -7.49
N THR A 29 0.88 -9.83 -6.45
CA THR A 29 1.37 -11.16 -6.09
C THR A 29 0.54 -11.75 -4.95
N LYS A 30 -0.51 -11.01 -4.57
CA LYS A 30 -1.45 -11.44 -3.54
C LYS A 30 -0.75 -11.62 -2.19
N THR A 31 -0.16 -10.55 -1.70
CA THR A 31 0.59 -10.59 -0.46
C THR A 31 0.29 -9.41 0.44
N THR A 32 -0.12 -9.72 1.66
CA THR A 32 -0.29 -8.70 2.69
C THR A 32 0.96 -8.64 3.55
N THR A 33 1.44 -7.44 3.81
CA THR A 33 2.65 -7.28 4.61
C THR A 33 2.68 -5.88 5.23
N TRP A 34 3.43 -5.74 6.32
CA TRP A 34 3.65 -4.41 6.87
C TRP A 34 5.00 -3.91 6.39
N GLU A 35 4.95 -2.97 5.47
CA GLU A 35 6.14 -2.35 4.91
C GLU A 35 5.75 -1.02 4.29
N ASP A 36 6.34 0.07 4.76
CA ASP A 36 5.97 1.39 4.28
C ASP A 36 6.79 1.76 3.05
N PRO A 37 6.16 1.75 1.86
CA PRO A 37 6.84 2.08 0.61
C PRO A 37 7.23 3.54 0.52
N ARG A 38 6.62 4.37 1.36
CA ARG A 38 6.84 5.81 1.34
C ARG A 38 8.20 6.14 1.93
N LEU A 39 8.75 5.19 2.66
CA LEU A 39 10.05 5.35 3.27
C LEU A 39 11.16 5.06 2.25
N LYS A 40 10.75 4.54 1.10
CA LYS A 40 11.68 4.26 0.03
C LYS A 40 11.36 5.16 -1.16
N ILE A 41 10.10 5.20 -1.51
CA ILE A 41 9.61 6.07 -2.57
C ILE A 41 9.33 7.46 -1.99
N PRO A 42 10.17 8.44 -2.35
CA PRO A 42 10.11 9.78 -1.77
C PRO A 42 8.89 10.58 -2.24
N ALA A 43 7.82 10.53 -1.45
CA ALA A 43 6.61 11.25 -1.77
C ALA A 43 6.61 12.60 -1.07
N GLY A 1 -10.46 2.12 -5.38
CA GLY A 1 -11.01 3.49 -5.40
C GLY A 1 -10.39 4.36 -4.33
N SER A 2 -9.49 5.25 -4.75
CA SER A 2 -8.73 6.15 -3.87
C SER A 2 -7.89 5.40 -2.83
N MET A 3 -6.84 6.06 -2.34
CA MET A 3 -5.89 5.49 -1.38
C MET A 3 -5.04 4.38 -2.03
N GLU A 4 -5.29 4.14 -3.31
CA GLU A 4 -4.53 3.15 -4.05
C GLU A 4 -4.43 3.56 -5.53
N GLN A 5 -4.35 4.87 -5.75
CA GLN A 5 -4.26 5.42 -7.09
C GLN A 5 -3.08 6.39 -7.16
N GLY A 6 -1.89 5.87 -6.90
CA GLY A 6 -0.71 6.71 -6.91
C GLY A 6 -0.07 6.80 -5.55
N PHE A 7 -0.84 6.46 -4.53
CA PHE A 7 -0.34 6.47 -3.15
C PHE A 7 0.74 5.41 -3.00
N LEU A 8 0.57 4.31 -3.71
CA LEU A 8 1.48 3.18 -3.66
C LEU A 8 1.86 2.75 -5.07
N PRO A 9 2.77 1.77 -5.23
CA PRO A 9 3.06 1.18 -6.54
C PRO A 9 1.82 0.55 -7.18
N LYS A 10 1.94 0.19 -8.44
CA LYS A 10 0.83 -0.36 -9.19
C LYS A 10 0.34 -1.68 -8.60
N GLY A 11 -0.92 -1.69 -8.19
CA GLY A 11 -1.52 -2.91 -7.66
C GLY A 11 -1.50 -2.96 -6.16
N TRP A 12 -0.88 -1.98 -5.54
CA TRP A 12 -0.81 -1.92 -4.09
C TRP A 12 -2.00 -1.14 -3.53
N GLU A 13 -2.33 -1.42 -2.28
CA GLU A 13 -3.45 -0.77 -1.62
C GLU A 13 -3.16 -0.63 -0.12
N VAL A 14 -3.40 0.55 0.43
CA VAL A 14 -3.17 0.77 1.85
C VAL A 14 -4.47 0.68 2.62
N ARG A 15 -4.45 -0.08 3.71
CA ARG A 15 -5.64 -0.29 4.52
C ARG A 15 -5.30 -0.06 5.99
N HIS A 16 -6.31 0.16 6.81
CA HIS A 16 -6.09 0.40 8.22
C HIS A 16 -6.42 -0.82 9.05
N ALA A 17 -5.49 -1.22 9.90
CA ALA A 17 -5.70 -2.33 10.81
C ALA A 17 -6.63 -1.88 11.93
N PRO A 18 -7.19 -2.82 12.73
CA PRO A 18 -8.08 -2.48 13.85
C PRO A 18 -7.57 -1.32 14.72
N ASN A 19 -6.26 -1.27 14.95
CA ASN A 19 -5.67 -0.20 15.77
C ASN A 19 -5.53 1.12 15.00
N GLY A 20 -5.92 1.11 13.74
CA GLY A 20 -5.91 2.32 12.95
C GLY A 20 -4.66 2.49 12.10
N ARG A 21 -3.65 1.68 12.36
CA ARG A 21 -2.40 1.77 11.62
C ARG A 21 -2.53 1.20 10.22
N PRO A 22 -1.96 1.89 9.22
CA PRO A 22 -2.02 1.47 7.83
C PRO A 22 -1.05 0.34 7.49
N PHE A 23 -1.59 -0.73 6.93
CA PHE A 23 -0.78 -1.82 6.40
C PHE A 23 -0.91 -1.81 4.88
N PHE A 24 0.00 -2.49 4.21
CA PHE A 24 0.06 -2.40 2.77
C PHE A 24 -0.11 -3.78 2.12
N ILE A 25 -1.08 -3.88 1.22
CA ILE A 25 -1.34 -5.12 0.53
C ILE A 25 -1.10 -4.97 -0.97
N ASP A 26 -0.30 -5.86 -1.51
CA ASP A 26 -0.05 -5.93 -2.93
C ASP A 26 -1.01 -6.91 -3.57
N HIS A 27 -1.87 -6.43 -4.44
CA HIS A 27 -2.89 -7.26 -5.06
C HIS A 27 -2.30 -8.16 -6.13
N ASN A 28 -1.12 -7.79 -6.64
CA ASN A 28 -0.49 -8.55 -7.69
C ASN A 28 -0.08 -9.93 -7.18
N THR A 29 0.64 -9.95 -6.07
CA THR A 29 1.13 -11.19 -5.51
C THR A 29 0.26 -11.61 -4.32
N LYS A 30 -0.78 -10.82 -4.06
CA LYS A 30 -1.70 -11.07 -2.95
C LYS A 30 -0.95 -11.08 -1.62
N THR A 31 -0.01 -10.15 -1.48
CA THR A 31 0.86 -10.10 -0.32
C THR A 31 0.43 -9.01 0.65
N THR A 32 0.16 -9.40 1.88
CA THR A 32 -0.18 -8.44 2.92
C THR A 32 0.97 -8.34 3.92
N THR A 33 1.60 -7.18 3.98
CA THR A 33 2.78 -6.99 4.81
C THR A 33 2.86 -5.56 5.30
N TRP A 34 3.62 -5.32 6.36
CA TRP A 34 3.89 -3.97 6.78
C TRP A 34 5.18 -3.51 6.11
N GLU A 35 5.04 -2.66 5.12
CA GLU A 35 6.16 -2.15 4.36
C GLU A 35 5.74 -0.86 3.68
N ASP A 36 6.37 0.25 4.03
CA ASP A 36 5.96 1.54 3.49
C ASP A 36 6.77 1.87 2.24
N PRO A 37 6.17 1.69 1.04
CA PRO A 37 6.85 1.92 -0.23
C PRO A 37 7.15 3.39 -0.48
N ARG A 38 6.47 4.26 0.26
CA ARG A 38 6.62 5.69 0.08
C ARG A 38 7.94 6.16 0.67
N LEU A 39 8.40 5.43 1.66
CA LEU A 39 9.65 5.75 2.33
C LEU A 39 10.83 5.32 1.47
N LYS A 40 10.64 4.26 0.70
CA LYS A 40 11.67 3.77 -0.19
C LYS A 40 11.63 4.51 -1.53
N ILE A 41 10.44 4.68 -2.05
CA ILE A 41 10.27 5.33 -3.34
C ILE A 41 9.89 6.80 -3.16
N PRO A 42 10.83 7.70 -3.45
CA PRO A 42 10.59 9.14 -3.35
C PRO A 42 9.89 9.70 -4.59
N ALA A 43 8.62 9.38 -4.73
CA ALA A 43 7.85 9.83 -5.88
C ALA A 43 6.57 10.52 -5.43
N GLY A 1 -7.56 6.72 -14.19
CA GLY A 1 -8.70 6.09 -13.49
C GLY A 1 -8.43 5.92 -12.01
N SER A 2 -9.41 6.23 -11.18
CA SER A 2 -9.25 6.16 -9.75
C SER A 2 -9.42 4.74 -9.23
N MET A 3 -8.70 3.80 -9.85
CA MET A 3 -8.72 2.42 -9.40
C MET A 3 -7.69 2.20 -8.30
N GLU A 4 -7.94 2.84 -7.17
CA GLU A 4 -7.07 2.77 -5.97
C GLU A 4 -5.59 2.79 -6.34
N GLN A 5 -5.17 3.85 -7.01
CA GLN A 5 -3.79 4.00 -7.44
C GLN A 5 -3.32 5.45 -7.28
N GLY A 6 -2.01 5.63 -7.13
CA GLY A 6 -1.46 6.97 -7.03
C GLY A 6 -0.53 7.13 -5.86
N PHE A 7 -1.04 6.86 -4.67
CA PHE A 7 -0.26 6.99 -3.46
C PHE A 7 0.58 5.74 -3.22
N LEU A 8 -0.02 4.59 -3.50
CA LEU A 8 0.66 3.33 -3.35
C LEU A 8 1.24 2.88 -4.68
N PRO A 9 2.21 1.96 -4.66
CA PRO A 9 2.78 1.38 -5.87
C PRO A 9 1.72 0.65 -6.70
N LYS A 10 2.09 0.30 -7.91
CA LYS A 10 1.17 -0.37 -8.83
C LYS A 10 0.70 -1.70 -8.26
N GLY A 11 -0.60 -1.80 -8.03
CA GLY A 11 -1.17 -3.03 -7.52
C GLY A 11 -1.24 -3.07 -6.01
N TRP A 12 -0.85 -1.98 -5.37
CA TRP A 12 -0.85 -1.91 -3.92
C TRP A 12 -1.99 -1.04 -3.40
N GLU A 13 -2.40 -1.32 -2.17
CA GLU A 13 -3.44 -0.54 -1.50
C GLU A 13 -3.11 -0.44 -0.01
N VAL A 14 -3.46 0.68 0.60
CA VAL A 14 -3.24 0.89 2.01
C VAL A 14 -4.53 0.67 2.79
N ARG A 15 -4.44 -0.06 3.89
CA ARG A 15 -5.60 -0.38 4.69
C ARG A 15 -5.31 -0.12 6.16
N HIS A 16 -6.24 0.51 6.85
CA HIS A 16 -6.10 0.76 8.27
C HIS A 16 -6.47 -0.46 9.08
N ALA A 17 -5.56 -0.91 9.93
CA ALA A 17 -5.81 -2.05 10.81
C ALA A 17 -6.71 -1.61 11.97
N PRO A 18 -7.23 -2.56 12.78
CA PRO A 18 -8.09 -2.23 13.93
C PRO A 18 -7.49 -1.14 14.83
N ASN A 19 -6.17 -1.19 15.02
CA ASN A 19 -5.49 -0.24 15.90
C ASN A 19 -5.29 1.10 15.20
N GLY A 20 -5.67 1.17 13.93
CA GLY A 20 -5.59 2.41 13.18
C GLY A 20 -4.35 2.53 12.34
N ARG A 21 -3.40 1.61 12.53
CA ARG A 21 -2.16 1.66 11.78
C ARG A 21 -2.38 1.09 10.37
N PRO A 22 -1.94 1.83 9.34
CA PRO A 22 -2.13 1.40 7.95
C PRO A 22 -1.11 0.35 7.51
N PHE A 23 -1.62 -0.77 7.00
CA PHE A 23 -0.77 -1.79 6.41
C PHE A 23 -0.93 -1.74 4.90
N PHE A 24 -0.04 -2.39 4.19
CA PHE A 24 0.00 -2.28 2.75
C PHE A 24 -0.19 -3.64 2.09
N ILE A 25 -1.26 -3.77 1.34
CA ILE A 25 -1.61 -5.03 0.71
C ILE A 25 -1.30 -5.00 -0.78
N ASP A 26 -0.57 -6.00 -1.22
CA ASP A 26 -0.21 -6.17 -2.61
C ASP A 26 -1.22 -7.04 -3.31
N HIS A 27 -1.79 -6.55 -4.39
CA HIS A 27 -2.76 -7.31 -5.17
C HIS A 27 -2.07 -8.02 -6.33
N ASN A 28 -0.82 -7.66 -6.59
CA ASN A 28 -0.08 -8.20 -7.73
C ASN A 28 0.15 -9.69 -7.56
N THR A 29 0.72 -10.06 -6.43
CA THR A 29 1.00 -11.46 -6.13
C THR A 29 0.36 -11.85 -4.80
N LYS A 30 -0.52 -10.98 -4.32
CA LYS A 30 -1.33 -11.24 -3.12
C LYS A 30 -0.47 -11.30 -1.86
N THR A 31 0.36 -10.29 -1.67
CA THR A 31 1.21 -10.20 -0.49
C THR A 31 0.64 -9.18 0.50
N THR A 32 0.31 -9.63 1.70
CA THR A 32 -0.16 -8.72 2.73
C THR A 32 0.87 -8.60 3.85
N THR A 33 1.52 -7.46 3.92
CA THR A 33 2.61 -7.27 4.85
C THR A 33 2.72 -5.79 5.25
N TRP A 34 3.64 -5.48 6.13
CA TRP A 34 3.91 -4.12 6.50
C TRP A 34 5.15 -3.63 5.76
N GLU A 35 4.96 -2.76 4.80
CA GLU A 35 6.06 -2.20 4.03
C GLU A 35 5.66 -0.86 3.44
N ASP A 36 6.22 0.20 3.99
CA ASP A 36 5.82 1.55 3.62
C ASP A 36 6.50 1.97 2.32
N PRO A 37 5.70 2.26 1.28
CA PRO A 37 6.21 2.62 -0.04
C PRO A 37 6.91 3.99 -0.04
N ARG A 38 6.62 4.79 0.98
CA ARG A 38 7.20 6.13 1.08
C ARG A 38 8.68 6.02 1.46
N LEU A 39 9.05 4.87 1.96
CA LEU A 39 10.42 4.61 2.35
C LEU A 39 11.22 4.11 1.14
N LYS A 40 10.50 3.68 0.12
CA LYS A 40 11.13 3.13 -1.07
C LYS A 40 11.05 4.12 -2.23
N ILE A 41 9.86 4.65 -2.45
CA ILE A 41 9.61 5.54 -3.58
C ILE A 41 9.90 6.98 -3.19
N PRO A 42 10.83 7.63 -3.90
CA PRO A 42 11.23 9.01 -3.63
C PRO A 42 10.24 10.03 -4.20
N ALA A 43 8.96 9.72 -4.06
CA ALA A 43 7.91 10.60 -4.55
C ALA A 43 7.53 11.61 -3.48
N GLY A 1 -10.08 4.12 -11.88
CA GLY A 1 -9.68 5.43 -11.32
C GLY A 1 -8.62 6.10 -12.16
N SER A 2 -9.05 6.81 -13.20
CA SER A 2 -8.12 7.45 -14.13
C SER A 2 -7.63 8.79 -13.57
N MET A 3 -6.93 8.71 -12.44
CA MET A 3 -6.32 9.87 -11.83
C MET A 3 -4.93 9.48 -11.34
N GLU A 4 -4.08 10.48 -11.12
CA GLU A 4 -2.72 10.24 -10.66
C GLU A 4 -2.72 9.66 -9.25
N GLN A 5 -2.26 8.42 -9.15
CA GLN A 5 -2.19 7.72 -7.87
C GLN A 5 -0.91 8.06 -7.13
N GLY A 6 -0.95 7.98 -5.81
CA GLY A 6 0.22 8.26 -5.01
C GLY A 6 0.24 7.43 -3.74
N PHE A 7 1.33 7.54 -2.99
CA PHE A 7 1.52 6.82 -1.73
C PHE A 7 1.81 5.34 -1.96
N LEU A 8 0.88 4.65 -2.60
CA LEU A 8 1.03 3.24 -2.85
C LEU A 8 1.16 2.96 -4.34
N PRO A 9 2.15 2.13 -4.71
CA PRO A 9 2.36 1.72 -6.11
C PRO A 9 1.16 0.96 -6.65
N LYS A 10 1.12 0.80 -7.97
CA LYS A 10 0.00 0.11 -8.61
C LYS A 10 -0.09 -1.33 -8.12
N GLY A 11 -1.28 -1.72 -7.74
CA GLY A 11 -1.49 -3.05 -7.21
C GLY A 11 -1.54 -3.05 -5.69
N TRP A 12 -0.94 -2.04 -5.08
CA TRP A 12 -0.94 -1.91 -3.63
C TRP A 12 -2.15 -1.13 -3.15
N GLU A 13 -2.77 -1.61 -2.09
CA GLU A 13 -3.93 -0.93 -1.52
C GLU A 13 -3.72 -0.73 -0.03
N VAL A 14 -4.10 0.45 0.45
CA VAL A 14 -3.95 0.76 1.86
C VAL A 14 -5.16 0.31 2.66
N ARG A 15 -4.90 -0.43 3.72
CA ARG A 15 -5.96 -0.91 4.60
C ARG A 15 -5.67 -0.45 6.02
N HIS A 16 -6.68 0.07 6.68
CA HIS A 16 -6.51 0.59 8.03
C HIS A 16 -6.81 -0.50 9.05
N ALA A 17 -5.84 -0.78 9.91
CA ALA A 17 -6.00 -1.78 10.94
C ALA A 17 -6.65 -1.15 12.17
N PRO A 18 -7.40 -1.96 12.94
CA PRO A 18 -8.11 -1.51 14.15
C PRO A 18 -7.20 -0.83 15.17
N ASN A 19 -5.90 -1.01 15.03
CA ASN A 19 -4.93 -0.39 15.93
C ASN A 19 -4.65 1.06 15.53
N GLY A 20 -5.15 1.46 14.35
CA GLY A 20 -4.98 2.83 13.90
C GLY A 20 -3.81 2.99 12.95
N ARG A 21 -3.20 1.89 12.56
CA ARG A 21 -2.12 1.92 11.59
C ARG A 21 -2.58 1.34 10.26
N PRO A 22 -2.20 1.97 9.15
CA PRO A 22 -2.46 1.44 7.82
C PRO A 22 -1.41 0.43 7.38
N PHE A 23 -1.87 -0.72 6.93
CA PHE A 23 -0.99 -1.70 6.33
C PHE A 23 -1.28 -1.76 4.84
N PHE A 24 -0.36 -2.29 4.07
CA PHE A 24 -0.47 -2.23 2.64
C PHE A 24 -0.44 -3.62 2.03
N ILE A 25 -1.44 -3.92 1.22
CA ILE A 25 -1.51 -5.22 0.58
C ILE A 25 -1.20 -5.09 -0.91
N ASP A 26 -0.31 -5.96 -1.38
CA ASP A 26 0.04 -6.03 -2.78
C ASP A 26 -0.85 -7.03 -3.48
N HIS A 27 -1.57 -6.57 -4.50
CA HIS A 27 -2.43 -7.45 -5.27
C HIS A 27 -1.72 -7.97 -6.51
N ASN A 28 -0.47 -7.55 -6.69
CA ASN A 28 0.32 -7.98 -7.84
C ASN A 28 0.71 -9.44 -7.68
N THR A 29 1.30 -9.77 -6.54
CA THR A 29 1.70 -11.13 -6.26
C THR A 29 1.07 -11.63 -4.96
N LYS A 30 0.10 -10.84 -4.45
CA LYS A 30 -0.67 -11.21 -3.26
C LYS A 30 0.21 -11.24 -2.01
N THR A 31 0.83 -10.10 -1.70
CA THR A 31 1.68 -10.00 -0.54
C THR A 31 1.10 -9.02 0.47
N THR A 32 0.82 -9.51 1.67
CA THR A 32 0.31 -8.66 2.74
C THR A 32 1.36 -8.56 3.84
N THR A 33 1.89 -7.36 4.04
CA THR A 33 2.99 -7.18 4.97
C THR A 33 3.00 -5.76 5.53
N TRP A 34 3.54 -5.60 6.72
CA TRP A 34 3.76 -4.28 7.27
C TRP A 34 5.08 -3.74 6.72
N GLU A 35 4.97 -2.77 5.84
CA GLU A 35 6.12 -2.18 5.18
C GLU A 35 5.72 -0.80 4.70
N ASP A 36 6.68 0.07 4.43
CA ASP A 36 6.36 1.39 3.92
C ASP A 36 6.91 1.55 2.51
N PRO A 37 6.08 1.24 1.49
CA PRO A 37 6.50 1.29 0.09
C PRO A 37 6.85 2.70 -0.37
N ARG A 38 6.45 3.69 0.40
CA ARG A 38 6.70 5.09 0.06
C ARG A 38 8.19 5.40 0.18
N LEU A 39 8.83 4.70 1.10
CA LEU A 39 10.25 4.93 1.37
C LEU A 39 11.11 4.23 0.32
N LYS A 40 10.50 3.30 -0.40
CA LYS A 40 11.21 2.54 -1.43
C LYS A 40 10.84 3.05 -2.81
N ILE A 41 9.55 3.19 -3.04
CA ILE A 41 9.03 3.57 -4.34
C ILE A 41 8.63 5.05 -4.34
N PRO A 42 9.07 5.81 -5.35
CA PRO A 42 8.70 7.21 -5.50
C PRO A 42 7.26 7.37 -6.00
N ALA A 43 6.31 7.09 -5.13
CA ALA A 43 4.90 7.20 -5.47
C ALA A 43 4.33 8.52 -4.95
N GLY A 1 -12.83 7.18 -5.80
CA GLY A 1 -11.88 7.42 -6.90
C GLY A 1 -10.64 6.58 -6.77
N SER A 2 -9.56 6.97 -7.44
CA SER A 2 -8.30 6.25 -7.39
C SER A 2 -7.21 7.11 -6.78
N MET A 3 -7.60 8.05 -5.92
CA MET A 3 -6.64 8.95 -5.28
C MET A 3 -5.78 8.18 -4.29
N GLU A 4 -6.41 7.31 -3.51
CA GLU A 4 -5.71 6.53 -2.52
C GLU A 4 -5.05 5.33 -3.19
N GLN A 5 -5.55 4.98 -4.37
CA GLN A 5 -4.93 3.95 -5.19
C GLN A 5 -3.70 4.52 -5.89
N GLY A 6 -3.57 5.85 -5.83
CA GLY A 6 -2.41 6.52 -6.39
C GLY A 6 -1.40 6.84 -5.32
N PHE A 7 -1.72 6.43 -4.09
CA PHE A 7 -0.84 6.62 -2.95
C PHE A 7 0.30 5.62 -3.01
N LEU A 8 0.10 4.59 -3.80
CA LEU A 8 1.05 3.49 -3.92
C LEU A 8 1.22 3.11 -5.37
N PRO A 9 2.20 2.25 -5.70
CA PRO A 9 2.34 1.69 -7.04
C PRO A 9 1.10 0.91 -7.47
N LYS A 10 0.98 0.69 -8.76
CA LYS A 10 -0.19 0.00 -9.32
C LYS A 10 -0.29 -1.40 -8.73
N GLY A 11 -1.48 -1.71 -8.21
CA GLY A 11 -1.71 -3.01 -7.62
C GLY A 11 -1.62 -2.98 -6.11
N TRP A 12 -0.95 -1.97 -5.58
CA TRP A 12 -0.81 -1.84 -4.14
C TRP A 12 -1.99 -1.11 -3.54
N GLU A 13 -2.34 -1.46 -2.32
CA GLU A 13 -3.48 -0.88 -1.64
C GLU A 13 -3.18 -0.72 -0.14
N VAL A 14 -3.53 0.43 0.40
CA VAL A 14 -3.34 0.69 1.81
C VAL A 14 -4.66 0.58 2.56
N ARG A 15 -4.64 -0.10 3.71
CA ARG A 15 -5.83 -0.24 4.52
C ARG A 15 -5.50 -0.01 5.98
N HIS A 16 -6.42 0.61 6.70
CA HIS A 16 -6.23 0.89 8.11
C HIS A 16 -6.77 -0.25 8.95
N ALA A 17 -5.98 -0.69 9.91
CA ALA A 17 -6.43 -1.71 10.83
C ALA A 17 -7.12 -1.06 12.03
N PRO A 18 -7.87 -1.83 12.85
CA PRO A 18 -8.54 -1.30 14.05
C PRO A 18 -7.62 -0.44 14.91
N ASN A 19 -6.34 -0.80 14.97
CA ASN A 19 -5.36 -0.07 15.77
C ASN A 19 -5.08 1.32 15.19
N GLY A 20 -5.47 1.55 13.94
CA GLY A 20 -5.26 2.84 13.32
C GLY A 20 -4.02 2.87 12.45
N ARG A 21 -3.28 1.78 12.47
CA ARG A 21 -2.06 1.66 11.69
C ARG A 21 -2.38 1.07 10.34
N PRO A 22 -1.91 1.69 9.26
CA PRO A 22 -2.15 1.20 7.89
C PRO A 22 -1.23 0.06 7.50
N PHE A 23 -1.81 -0.99 6.95
CA PHE A 23 -1.04 -2.08 6.39
C PHE A 23 -1.12 -2.01 4.88
N PHE A 24 -0.14 -2.59 4.22
CA PHE A 24 -0.05 -2.47 2.78
C PHE A 24 -0.12 -3.84 2.12
N ILE A 25 -1.11 -4.00 1.25
CA ILE A 25 -1.31 -5.25 0.56
C ILE A 25 -1.08 -5.09 -0.93
N ASP A 26 -0.18 -5.91 -1.46
CA ASP A 26 0.08 -5.95 -2.88
C ASP A 26 -0.88 -6.92 -3.55
N HIS A 27 -1.67 -6.41 -4.47
CA HIS A 27 -2.64 -7.24 -5.18
C HIS A 27 -2.02 -7.83 -6.45
N ASN A 28 -0.80 -7.43 -6.75
CA ASN A 28 -0.10 -7.96 -7.93
C ASN A 28 0.27 -9.42 -7.71
N THR A 29 0.97 -9.67 -6.62
CA THR A 29 1.42 -11.02 -6.30
C THR A 29 0.85 -11.50 -4.96
N LYS A 30 -0.12 -10.75 -4.46
CA LYS A 30 -0.84 -11.11 -3.24
C LYS A 30 0.07 -11.16 -2.03
N THR A 31 0.76 -10.06 -1.76
CA THR A 31 1.67 -9.97 -0.65
C THR A 31 1.20 -8.93 0.36
N THR A 32 0.95 -9.35 1.59
CA THR A 32 0.58 -8.43 2.64
C THR A 32 1.71 -8.32 3.65
N THR A 33 2.09 -7.11 3.99
CA THR A 33 3.20 -6.88 4.90
C THR A 33 3.04 -5.54 5.60
N TRP A 34 3.55 -5.43 6.82
CA TRP A 34 3.58 -4.15 7.49
C TRP A 34 4.91 -3.49 7.20
N GLU A 35 4.88 -2.49 6.33
CA GLU A 35 6.05 -1.75 5.90
C GLU A 35 5.60 -0.41 5.36
N ASP A 36 6.54 0.42 4.94
CA ASP A 36 6.21 1.64 4.24
C ASP A 36 6.81 1.62 2.86
N PRO A 37 6.03 1.17 1.85
CA PRO A 37 6.50 1.05 0.46
C PRO A 37 6.94 2.38 -0.13
N ARG A 38 6.55 3.47 0.52
CA ARG A 38 6.86 4.80 0.01
C ARG A 38 8.28 5.19 0.39
N LEU A 39 8.73 4.69 1.52
CA LEU A 39 10.08 4.97 2.00
C LEU A 39 11.10 4.15 1.22
N LYS A 40 10.62 3.13 0.54
CA LYS A 40 11.46 2.29 -0.30
C LYS A 40 11.30 2.67 -1.76
N ILE A 41 10.06 2.96 -2.15
CA ILE A 41 9.74 3.26 -3.54
C ILE A 41 9.11 4.65 -3.65
N PRO A 42 9.68 5.53 -4.47
CA PRO A 42 9.15 6.87 -4.68
C PRO A 42 7.91 6.86 -5.57
N ALA A 43 6.77 6.61 -4.96
CA ALA A 43 5.50 6.55 -5.68
C ALA A 43 4.88 7.94 -5.78
N GLY A 1 -4.38 -1.27 -15.80
CA GLY A 1 -4.74 0.17 -15.87
C GLY A 1 -5.48 0.63 -14.64
N SER A 2 -5.62 1.96 -14.50
CA SER A 2 -6.34 2.55 -13.39
C SER A 2 -5.75 2.14 -12.05
N MET A 3 -4.45 2.34 -11.90
CA MET A 3 -3.75 2.08 -10.66
C MET A 3 -2.89 3.28 -10.30
N GLU A 4 -3.17 4.40 -10.95
CA GLU A 4 -2.37 5.60 -10.79
C GLU A 4 -3.08 6.65 -9.95
N GLN A 5 -4.27 6.29 -9.49
CA GLN A 5 -5.08 7.21 -8.69
C GLN A 5 -5.16 6.73 -7.25
N GLY A 6 -4.22 5.88 -6.88
CA GLY A 6 -4.24 5.29 -5.56
C GLY A 6 -3.28 5.97 -4.61
N PHE A 7 -3.36 5.58 -3.35
CA PHE A 7 -2.53 6.16 -2.31
C PHE A 7 -1.14 5.53 -2.34
N LEU A 8 -1.06 4.37 -2.98
CA LEU A 8 0.18 3.63 -3.08
C LEU A 8 0.48 3.31 -4.55
N PRO A 9 1.65 2.71 -4.85
CA PRO A 9 1.98 2.27 -6.23
C PRO A 9 0.97 1.28 -6.79
N LYS A 10 1.10 0.98 -8.06
CA LYS A 10 0.18 0.10 -8.76
C LYS A 10 0.02 -1.24 -8.05
N GLY A 11 -1.22 -1.64 -7.83
CA GLY A 11 -1.48 -2.92 -7.20
C GLY A 11 -1.45 -2.84 -5.68
N TRP A 12 -0.90 -1.76 -5.15
CA TRP A 12 -0.79 -1.59 -3.71
C TRP A 12 -1.95 -0.78 -3.17
N GLU A 13 -2.51 -1.22 -2.06
CA GLU A 13 -3.61 -0.53 -1.43
C GLU A 13 -3.34 -0.41 0.07
N VAL A 14 -3.69 0.74 0.64
CA VAL A 14 -3.48 0.97 2.04
C VAL A 14 -4.78 0.76 2.81
N ARG A 15 -4.71 0.04 3.90
CA ARG A 15 -5.88 -0.28 4.70
C ARG A 15 -5.57 -0.12 6.17
N HIS A 16 -6.55 0.36 6.93
CA HIS A 16 -6.37 0.62 8.35
C HIS A 16 -6.76 -0.59 9.18
N ALA A 17 -5.86 -1.02 10.04
CA ALA A 17 -6.12 -2.12 10.96
C ALA A 17 -6.92 -1.64 12.15
N PRO A 18 -7.50 -2.54 12.97
CA PRO A 18 -8.29 -2.14 14.14
C PRO A 18 -7.55 -1.18 15.07
N ASN A 19 -6.23 -1.33 15.13
CA ASN A 19 -5.38 -0.48 15.98
C ASN A 19 -5.15 0.89 15.35
N GLY A 20 -5.65 1.08 14.14
CA GLY A 20 -5.54 2.36 13.47
C GLY A 20 -4.35 2.44 12.54
N ARG A 21 -3.48 1.44 12.61
CA ARG A 21 -2.29 1.42 11.78
C ARG A 21 -2.63 1.02 10.36
N PRO A 22 -2.11 1.77 9.39
CA PRO A 22 -2.29 1.45 7.97
C PRO A 22 -1.29 0.39 7.51
N PHE A 23 -1.79 -0.69 6.95
CA PHE A 23 -0.94 -1.73 6.41
C PHE A 23 -1.00 -1.72 4.90
N PHE A 24 -0.01 -2.31 4.27
CA PHE A 24 0.14 -2.20 2.84
C PHE A 24 -0.04 -3.57 2.18
N ILE A 25 -1.07 -3.70 1.37
CA ILE A 25 -1.33 -4.96 0.69
C ILE A 25 -0.99 -4.86 -0.79
N ASP A 26 -0.22 -5.82 -1.26
CA ASP A 26 0.18 -5.89 -2.65
C ASP A 26 -0.71 -6.86 -3.39
N HIS A 27 -1.41 -6.37 -4.38
CA HIS A 27 -2.30 -7.20 -5.19
C HIS A 27 -1.55 -7.80 -6.37
N ASN A 28 -0.32 -7.35 -6.59
CA ASN A 28 0.48 -7.83 -7.71
C ASN A 28 0.87 -9.29 -7.50
N THR A 29 1.28 -9.62 -6.28
CA THR A 29 1.58 -11.01 -5.95
C THR A 29 0.63 -11.52 -4.87
N LYS A 30 -0.30 -10.64 -4.48
CA LYS A 30 -1.30 -10.93 -3.46
C LYS A 30 -0.67 -11.25 -2.11
N THR A 31 0.07 -10.30 -1.59
CA THR A 31 0.71 -10.46 -0.29
C THR A 31 0.35 -9.29 0.62
N THR A 32 0.41 -9.52 1.91
CA THR A 32 0.11 -8.49 2.88
C THR A 32 1.21 -8.43 3.93
N THR A 33 1.89 -7.29 4.00
CA THR A 33 3.01 -7.12 4.91
C THR A 33 3.13 -5.65 5.27
N TRP A 34 3.83 -5.36 6.35
CA TRP A 34 4.06 -3.98 6.70
C TRP A 34 5.36 -3.52 6.05
N GLU A 35 5.23 -2.72 5.01
CA GLU A 35 6.37 -2.14 4.33
C GLU A 35 5.92 -0.94 3.52
N ASP A 36 6.32 0.24 3.94
CA ASP A 36 5.96 1.46 3.24
C ASP A 36 6.69 1.52 1.91
N PRO A 37 5.97 1.40 0.79
CA PRO A 37 6.58 1.39 -0.54
C PRO A 37 7.20 2.74 -0.90
N ARG A 38 6.81 3.76 -0.17
CA ARG A 38 7.29 5.11 -0.43
C ARG A 38 8.64 5.33 0.23
N LEU A 39 9.02 4.39 1.07
CA LEU A 39 10.31 4.44 1.74
C LEU A 39 11.37 3.70 0.93
N LYS A 40 10.91 2.76 0.12
CA LYS A 40 11.81 1.99 -0.73
C LYS A 40 11.81 2.56 -2.14
N ILE A 41 10.65 2.97 -2.59
CA ILE A 41 10.49 3.61 -3.89
C ILE A 41 10.47 5.12 -3.71
N PRO A 42 11.17 5.87 -4.56
CA PRO A 42 11.18 7.34 -4.50
C PRO A 42 9.81 7.94 -4.83
N ALA A 43 8.89 7.79 -3.91
CA ALA A 43 7.55 8.33 -4.07
C ALA A 43 7.44 9.70 -3.41
N GLY A 1 -2.84 12.03 -15.23
CA GLY A 1 -4.12 11.50 -14.70
C GLY A 1 -4.35 11.86 -13.26
N SER A 2 -4.36 10.87 -12.39
CA SER A 2 -4.58 11.10 -10.97
C SER A 2 -3.52 10.37 -10.13
N MET A 3 -2.72 11.15 -9.42
CA MET A 3 -1.65 10.58 -8.60
C MET A 3 -2.22 9.90 -7.37
N GLU A 4 -3.44 10.27 -6.99
CA GLU A 4 -4.08 9.68 -5.83
C GLU A 4 -4.45 8.21 -6.09
N GLN A 5 -4.67 7.86 -7.35
CA GLN A 5 -4.98 6.50 -7.72
C GLN A 5 -3.70 5.75 -8.04
N GLY A 6 -2.63 6.50 -8.21
CA GLY A 6 -1.33 5.91 -8.48
C GLY A 6 -0.34 6.22 -7.38
N PHE A 7 -0.87 6.35 -6.17
CA PHE A 7 -0.06 6.66 -5.00
C PHE A 7 0.81 5.46 -4.68
N LEU A 8 0.21 4.29 -4.81
CA LEU A 8 0.92 3.04 -4.68
C LEU A 8 0.97 2.36 -6.04
N PRO A 9 1.94 1.47 -6.24
CA PRO A 9 2.07 0.73 -7.50
C PRO A 9 0.81 -0.08 -7.80
N LYS A 10 0.51 -0.23 -9.09
CA LYS A 10 -0.68 -0.93 -9.52
C LYS A 10 -0.76 -2.32 -8.89
N GLY A 11 -1.83 -2.53 -8.14
CA GLY A 11 -2.01 -3.78 -7.44
C GLY A 11 -1.89 -3.62 -5.94
N TRP A 12 -1.29 -2.51 -5.52
CA TRP A 12 -1.08 -2.23 -4.10
C TRP A 12 -2.15 -1.28 -3.58
N GLU A 13 -2.54 -1.49 -2.33
CA GLU A 13 -3.50 -0.62 -1.67
C GLU A 13 -3.18 -0.52 -0.18
N VAL A 14 -3.43 0.64 0.39
CA VAL A 14 -3.18 0.87 1.80
C VAL A 14 -4.47 0.76 2.59
N ARG A 15 -4.43 0.05 3.70
CA ARG A 15 -5.61 -0.16 4.52
C ARG A 15 -5.29 0.08 5.99
N HIS A 16 -6.21 0.74 6.68
CA HIS A 16 -6.04 1.01 8.10
C HIS A 16 -6.43 -0.20 8.93
N ALA A 17 -5.52 -0.64 9.78
CA ALA A 17 -5.80 -1.77 10.66
C ALA A 17 -6.47 -1.28 11.95
N PRO A 18 -7.14 -2.18 12.70
CA PRO A 18 -7.83 -1.81 13.96
C PRO A 18 -6.95 -1.02 14.91
N ASN A 19 -5.66 -1.35 14.96
CA ASN A 19 -4.72 -0.70 15.87
C ASN A 19 -4.44 0.74 15.45
N GLY A 20 -4.89 1.11 14.27
CA GLY A 20 -4.75 2.48 13.80
C GLY A 20 -3.55 2.67 12.91
N ARG A 21 -2.88 1.57 12.56
CA ARG A 21 -1.73 1.65 11.67
C ARG A 21 -2.09 1.08 10.30
N PRO A 22 -1.73 1.80 9.23
CA PRO A 22 -1.99 1.35 7.86
C PRO A 22 -1.03 0.28 7.39
N PHE A 23 -1.58 -0.78 6.81
CA PHE A 23 -0.77 -1.82 6.21
C PHE A 23 -0.97 -1.80 4.70
N PHE A 24 -0.09 -2.47 3.98
CA PHE A 24 -0.13 -2.40 2.53
C PHE A 24 -0.34 -3.77 1.94
N ILE A 25 -1.40 -3.90 1.15
CA ILE A 25 -1.76 -5.16 0.55
C ILE A 25 -1.48 -5.14 -0.96
N ASP A 26 -0.90 -6.22 -1.43
CA ASP A 26 -0.58 -6.39 -2.82
C ASP A 26 -1.50 -7.42 -3.45
N HIS A 27 -2.17 -7.03 -4.52
CA HIS A 27 -3.09 -7.92 -5.22
C HIS A 27 -2.38 -8.60 -6.39
N ASN A 28 -1.13 -8.22 -6.64
CA ASN A 28 -0.38 -8.76 -7.78
C ASN A 28 0.06 -10.18 -7.50
N THR A 29 0.80 -10.36 -6.42
CA THR A 29 1.31 -11.66 -6.03
C THR A 29 0.66 -12.10 -4.72
N LYS A 30 -0.31 -11.31 -4.28
CA LYS A 30 -1.09 -11.61 -3.07
C LYS A 30 -0.22 -11.49 -1.83
N THR A 31 0.50 -10.39 -1.73
CA THR A 31 1.34 -10.11 -0.58
C THR A 31 0.64 -9.17 0.38
N THR A 32 0.85 -9.39 1.67
CA THR A 32 0.29 -8.51 2.68
C THR A 32 1.27 -8.41 3.86
N THR A 33 1.94 -7.28 3.94
CA THR A 33 3.01 -7.11 4.91
C THR A 33 3.08 -5.65 5.35
N TRP A 34 3.74 -5.39 6.47
CA TRP A 34 3.94 -4.02 6.91
C TRP A 34 5.24 -3.51 6.32
N GLU A 35 5.13 -2.64 5.33
CA GLU A 35 6.28 -2.03 4.70
C GLU A 35 5.86 -0.75 4.02
N ASP A 36 5.89 0.34 4.77
CA ASP A 36 5.40 1.62 4.29
C ASP A 36 6.31 2.16 3.18
N PRO A 37 5.82 2.17 1.93
CA PRO A 37 6.59 2.62 0.77
C PRO A 37 7.02 4.08 0.89
N ARG A 38 6.31 4.85 1.71
CA ARG A 38 6.57 6.27 1.86
C ARG A 38 7.84 6.48 2.68
N LEU A 39 8.28 5.44 3.37
CA LEU A 39 9.47 5.51 4.18
C LEU A 39 10.70 5.23 3.31
N LYS A 40 10.46 4.80 2.09
CA LYS A 40 11.52 4.52 1.13
C LYS A 40 11.39 5.46 -0.05
N ILE A 41 10.22 5.47 -0.65
CA ILE A 41 9.93 6.25 -1.83
C ILE A 41 9.05 7.44 -1.47
N PRO A 42 9.59 8.67 -1.59
CA PRO A 42 8.84 9.89 -1.32
C PRO A 42 7.62 10.04 -2.24
N ALA A 43 6.45 9.91 -1.67
CA ALA A 43 5.21 10.04 -2.41
C ALA A 43 4.34 11.13 -1.79
N GLY A 1 -6.48 8.65 -17.52
CA GLY A 1 -6.58 7.44 -16.66
C GLY A 1 -6.57 7.80 -15.19
N SER A 2 -5.38 7.80 -14.59
CA SER A 2 -5.20 8.14 -13.18
C SER A 2 -6.02 7.22 -12.27
N MET A 3 -6.19 5.99 -12.70
CA MET A 3 -6.91 5.00 -11.91
C MET A 3 -5.92 3.99 -11.36
N GLU A 4 -4.67 4.12 -11.76
CA GLU A 4 -3.62 3.22 -11.32
C GLU A 4 -2.65 3.93 -10.37
N GLN A 5 -3.02 5.12 -9.94
CA GLN A 5 -2.13 5.91 -9.09
C GLN A 5 -2.92 6.81 -8.15
N GLY A 6 -2.23 7.48 -7.25
CA GLY A 6 -2.86 8.37 -6.31
C GLY A 6 -2.17 8.33 -4.97
N PHE A 7 -2.36 7.21 -4.27
CA PHE A 7 -1.67 6.96 -3.02
C PHE A 7 -0.63 5.88 -3.22
N LEU A 8 -1.10 4.73 -3.68
CA LEU A 8 -0.24 3.58 -3.92
C LEU A 8 -0.37 3.15 -5.38
N PRO A 9 0.64 2.43 -5.91
CA PRO A 9 0.60 1.92 -7.28
C PRO A 9 -0.53 0.93 -7.51
N LYS A 10 -0.78 0.61 -8.78
CA LYS A 10 -1.85 -0.31 -9.13
C LYS A 10 -1.58 -1.69 -8.54
N GLY A 11 -2.62 -2.29 -7.98
CA GLY A 11 -2.48 -3.57 -7.34
C GLY A 11 -2.21 -3.42 -5.85
N TRP A 12 -1.69 -2.27 -5.46
CA TRP A 12 -1.43 -2.01 -4.05
C TRP A 12 -2.63 -1.35 -3.39
N GLU A 13 -2.73 -1.50 -2.10
CA GLU A 13 -3.77 -0.84 -1.32
C GLU A 13 -3.32 -0.71 0.12
N VAL A 14 -3.50 0.47 0.68
CA VAL A 14 -3.16 0.69 2.07
C VAL A 14 -4.40 0.60 2.94
N ARG A 15 -4.33 -0.21 3.97
CA ARG A 15 -5.47 -0.41 4.85
C ARG A 15 -5.11 -0.03 6.27
N HIS A 16 -5.95 0.78 6.88
CA HIS A 16 -5.71 1.22 8.25
C HIS A 16 -6.43 0.29 9.22
N ALA A 17 -5.65 -0.38 10.07
CA ALA A 17 -6.21 -1.27 11.08
C ALA A 17 -6.90 -0.45 12.16
N PRO A 18 -7.75 -1.07 13.00
CA PRO A 18 -8.43 -0.37 14.10
C PRO A 18 -7.49 0.49 14.94
N ASN A 19 -6.26 -0.01 15.15
CA ASN A 19 -5.27 0.72 15.95
C ASN A 19 -4.77 1.98 15.24
N GLY A 20 -5.13 2.13 13.96
CA GLY A 20 -4.76 3.31 13.22
C GLY A 20 -3.52 3.12 12.37
N ARG A 21 -2.92 1.95 12.43
CA ARG A 21 -1.72 1.67 11.67
C ARG A 21 -2.08 1.07 10.31
N PRO A 22 -1.44 1.56 9.24
CA PRO A 22 -1.68 1.10 7.89
C PRO A 22 -0.78 -0.07 7.47
N PHE A 23 -1.40 -1.14 7.01
CA PHE A 23 -0.66 -2.25 6.43
C PHE A 23 -0.90 -2.25 4.92
N PHE A 24 0.02 -2.82 4.17
CA PHE A 24 -0.04 -2.73 2.72
C PHE A 24 -0.22 -4.10 2.09
N ILE A 25 -1.17 -4.19 1.18
CA ILE A 25 -1.41 -5.42 0.46
C ILE A 25 -1.16 -5.22 -1.02
N ASP A 26 -0.36 -6.10 -1.59
CA ASP A 26 -0.05 -6.05 -3.01
C ASP A 26 -0.73 -7.20 -3.73
N HIS A 27 -1.66 -6.86 -4.60
CA HIS A 27 -2.40 -7.86 -5.35
C HIS A 27 -1.64 -8.32 -6.57
N ASN A 28 -0.55 -7.62 -6.88
CA ASN A 28 0.28 -7.97 -8.03
C ASN A 28 0.97 -9.30 -7.80
N THR A 29 1.65 -9.43 -6.67
CA THR A 29 2.31 -10.68 -6.31
C THR A 29 1.51 -11.43 -5.25
N LYS A 30 0.36 -10.85 -4.90
CA LYS A 30 -0.58 -11.45 -3.94
C LYS A 30 0.08 -11.60 -2.57
N THR A 31 0.52 -10.50 -1.99
CA THR A 31 1.21 -10.53 -0.71
C THR A 31 0.65 -9.46 0.23
N THR A 32 0.62 -9.76 1.52
CA THR A 32 0.15 -8.82 2.53
C THR A 32 1.16 -8.74 3.67
N THR A 33 1.74 -7.56 3.87
CA THR A 33 2.79 -7.40 4.85
C THR A 33 2.84 -5.97 5.34
N TRP A 34 3.46 -5.75 6.50
CA TRP A 34 3.68 -4.40 6.97
C TRP A 34 4.96 -3.88 6.32
N GLU A 35 4.78 -2.99 5.36
CA GLU A 35 5.87 -2.46 4.59
C GLU A 35 5.46 -1.15 3.93
N ASP A 36 5.81 -0.03 4.53
CA ASP A 36 5.46 1.27 3.96
C ASP A 36 6.42 1.63 2.85
N PRO A 37 5.97 1.58 1.58
CA PRO A 37 6.84 1.81 0.43
C PRO A 37 7.31 3.26 0.36
N ARG A 38 6.64 4.12 1.10
CA ARG A 38 6.94 5.55 1.09
C ARG A 38 8.12 5.84 2.01
N LEU A 39 8.42 4.87 2.87
CA LEU A 39 9.55 4.98 3.76
C LEU A 39 10.80 4.43 3.10
N LYS A 40 10.59 3.63 2.07
CA LYS A 40 11.69 3.15 1.24
C LYS A 40 11.91 4.14 0.10
N ILE A 41 10.83 4.45 -0.59
CA ILE A 41 10.85 5.41 -1.68
C ILE A 41 10.03 6.64 -1.30
N PRO A 42 10.71 7.74 -0.97
CA PRO A 42 10.05 8.99 -0.57
C PRO A 42 9.06 9.48 -1.61
N ALA A 43 7.82 9.63 -1.20
CA ALA A 43 6.76 10.07 -2.08
C ALA A 43 6.55 11.58 -1.93
N GLY A 1 -10.97 7.78 -14.10
CA GLY A 1 -9.73 7.00 -14.29
C GLY A 1 -8.91 6.93 -13.01
N SER A 2 -7.86 6.12 -13.03
CA SER A 2 -7.05 5.90 -11.83
C SER A 2 -6.05 7.04 -11.60
N MET A 3 -6.57 8.25 -11.44
CA MET A 3 -5.74 9.40 -11.12
C MET A 3 -5.82 9.69 -9.62
N GLU A 4 -4.71 9.43 -8.94
CA GLU A 4 -4.64 9.56 -7.48
C GLU A 4 -5.67 8.67 -6.81
N GLN A 5 -5.95 7.53 -7.42
CA GLN A 5 -6.88 6.56 -6.88
C GLN A 5 -6.14 5.67 -5.91
N GLY A 6 -4.85 5.53 -6.14
CA GLY A 6 -4.01 4.73 -5.28
C GLY A 6 -2.98 5.58 -4.58
N PHE A 7 -2.76 5.31 -3.31
CA PHE A 7 -1.78 6.05 -2.52
C PHE A 7 -0.41 5.41 -2.70
N LEU A 8 -0.42 4.18 -3.17
CA LEU A 8 0.80 3.41 -3.35
C LEU A 8 0.97 3.04 -4.82
N PRO A 9 2.06 2.34 -5.19
CA PRO A 9 2.26 1.86 -6.57
C PRO A 9 1.14 0.93 -7.02
N LYS A 10 1.14 0.60 -8.31
CA LYS A 10 0.10 -0.22 -8.89
C LYS A 10 -0.02 -1.56 -8.18
N GLY A 11 -1.23 -1.88 -7.77
CA GLY A 11 -1.47 -3.15 -7.10
C GLY A 11 -1.39 -3.03 -5.59
N TRP A 12 -0.64 -2.04 -5.11
CA TRP A 12 -0.51 -1.84 -3.67
C TRP A 12 -1.68 -1.04 -3.14
N GLU A 13 -2.21 -1.49 -2.01
CA GLU A 13 -3.40 -0.89 -1.42
C GLU A 13 -3.21 -0.70 0.09
N VAL A 14 -3.50 0.50 0.56
CA VAL A 14 -3.44 0.81 1.98
C VAL A 14 -4.80 0.64 2.64
N ARG A 15 -4.82 -0.13 3.72
CA ARG A 15 -6.05 -0.31 4.48
C ARG A 15 -5.75 -0.10 5.96
N HIS A 16 -6.55 0.71 6.62
CA HIS A 16 -6.29 1.08 8.01
C HIS A 16 -6.59 -0.06 8.96
N ALA A 17 -5.59 -0.49 9.70
CA ALA A 17 -5.77 -1.52 10.72
C ALA A 17 -6.30 -0.88 12.00
N PRO A 18 -6.81 -1.67 12.97
CA PRO A 18 -7.36 -1.13 14.23
C PRO A 18 -6.44 -0.13 14.92
N ASN A 19 -5.13 -0.32 14.77
CA ASN A 19 -4.15 0.54 15.43
C ASN A 19 -4.06 1.91 14.75
N GLY A 20 -4.73 2.06 13.61
CA GLY A 20 -4.77 3.33 12.93
C GLY A 20 -3.72 3.43 11.85
N ARG A 21 -2.95 2.37 11.68
CA ARG A 21 -1.91 2.34 10.68
C ARG A 21 -2.36 1.48 9.51
N PRO A 22 -2.18 1.96 8.28
CA PRO A 22 -2.54 1.20 7.08
C PRO A 22 -1.58 0.05 6.83
N PHE A 23 -2.12 -1.15 6.69
CA PHE A 23 -1.32 -2.30 6.31
C PHE A 23 -1.24 -2.36 4.80
N PHE A 24 -0.21 -2.98 4.29
CA PHE A 24 0.08 -2.91 2.88
C PHE A 24 -0.12 -4.25 2.20
N ILE A 25 -1.18 -4.33 1.41
CA ILE A 25 -1.47 -5.53 0.66
C ILE A 25 -1.19 -5.30 -0.82
N ASP A 26 -0.32 -6.13 -1.36
CA ASP A 26 -0.01 -6.09 -2.77
C ASP A 26 -0.94 -7.03 -3.52
N HIS A 27 -1.70 -6.49 -4.45
CA HIS A 27 -2.65 -7.29 -5.22
C HIS A 27 -2.00 -7.87 -6.46
N ASN A 28 -0.72 -7.58 -6.68
CA ASN A 28 0.00 -8.12 -7.82
C ASN A 28 0.35 -9.58 -7.57
N THR A 29 1.13 -9.82 -6.54
CA THR A 29 1.56 -11.15 -6.18
C THR A 29 0.78 -11.67 -4.97
N LYS A 30 -0.21 -10.87 -4.58
CA LYS A 30 -1.12 -11.22 -3.49
C LYS A 30 -0.37 -11.42 -2.18
N THR A 31 0.35 -10.40 -1.76
CA THR A 31 1.15 -10.47 -0.55
C THR A 31 0.79 -9.35 0.42
N THR A 32 0.39 -9.72 1.62
CA THR A 32 0.06 -8.75 2.65
C THR A 32 1.14 -8.74 3.71
N THR A 33 1.83 -7.61 3.83
CA THR A 33 2.97 -7.52 4.72
C THR A 33 3.13 -6.07 5.20
N TRP A 34 3.71 -5.89 6.38
CA TRP A 34 3.96 -4.54 6.85
C TRP A 34 5.33 -4.09 6.36
N GLU A 35 5.31 -3.20 5.38
CA GLU A 35 6.51 -2.55 4.89
C GLU A 35 6.10 -1.27 4.17
N ASP A 36 6.25 -0.15 4.84
CA ASP A 36 5.79 1.13 4.29
C ASP A 36 6.60 1.52 3.06
N PRO A 37 5.98 1.49 1.87
CA PRO A 37 6.65 1.81 0.62
C PRO A 37 7.02 3.29 0.51
N ARG A 38 6.42 4.10 1.37
CA ARG A 38 6.62 5.54 1.31
C ARG A 38 7.95 5.91 1.95
N LEU A 39 8.45 5.01 2.79
CA LEU A 39 9.74 5.18 3.42
C LEU A 39 10.87 4.83 2.45
N LYS A 40 10.52 4.11 1.39
CA LYS A 40 11.49 3.70 0.39
C LYS A 40 11.32 4.53 -0.88
N ILE A 41 10.08 4.63 -1.33
CA ILE A 41 9.75 5.36 -2.54
C ILE A 41 9.38 6.80 -2.18
N PRO A 42 9.95 7.80 -2.89
CA PRO A 42 9.61 9.22 -2.69
C PRO A 42 8.17 9.54 -3.12
N ALA A 43 7.22 8.99 -2.38
CA ALA A 43 5.81 9.22 -2.63
C ALA A 43 5.20 10.01 -1.49
N GLY A 1 -7.82 -2.11 -12.92
CA GLY A 1 -7.35 -1.70 -11.58
C GLY A 1 -7.93 -0.38 -11.14
N SER A 2 -7.15 0.69 -11.31
CA SER A 2 -7.56 2.03 -10.89
C SER A 2 -7.91 2.04 -9.40
N MET A 3 -7.07 1.41 -8.59
CA MET A 3 -7.29 1.37 -7.16
C MET A 3 -6.15 2.10 -6.44
N GLU A 4 -6.10 3.41 -6.65
CA GLU A 4 -5.11 4.29 -6.02
C GLU A 4 -3.70 3.85 -6.39
N GLN A 5 -3.45 3.70 -7.68
CA GLN A 5 -2.16 3.25 -8.20
C GLN A 5 -1.17 4.41 -8.27
N GLY A 6 -1.53 5.52 -7.66
CA GLY A 6 -0.65 6.66 -7.60
C GLY A 6 -0.12 6.91 -6.21
N PHE A 7 -1.00 6.81 -5.22
CA PHE A 7 -0.61 7.00 -3.82
C PHE A 7 0.38 5.91 -3.42
N LEU A 8 0.11 4.72 -3.91
CA LEU A 8 1.01 3.60 -3.74
C LEU A 8 1.47 3.12 -5.11
N PRO A 9 2.46 2.22 -5.19
CA PRO A 9 2.82 1.57 -6.46
C PRO A 9 1.64 0.80 -7.03
N LYS A 10 1.57 0.75 -8.35
CA LYS A 10 0.45 0.13 -9.04
C LYS A 10 0.20 -1.30 -8.56
N GLY A 11 -0.91 -1.48 -7.88
CA GLY A 11 -1.27 -2.78 -7.38
C GLY A 11 -1.31 -2.80 -5.87
N TRP A 12 -0.64 -1.86 -5.24
CA TRP A 12 -0.61 -1.78 -3.79
C TRP A 12 -1.77 -0.96 -3.27
N GLU A 13 -2.34 -1.40 -2.15
CA GLU A 13 -3.46 -0.73 -1.54
C GLU A 13 -3.23 -0.58 -0.04
N VAL A 14 -3.51 0.60 0.49
CA VAL A 14 -3.32 0.85 1.92
C VAL A 14 -4.61 0.58 2.69
N ARG A 15 -4.47 -0.11 3.81
CA ARG A 15 -5.59 -0.39 4.69
C ARG A 15 -5.22 -0.12 6.13
N HIS A 16 -6.12 0.50 6.88
CA HIS A 16 -5.88 0.76 8.29
C HIS A 16 -6.50 -0.33 9.14
N ALA A 17 -5.70 -0.90 10.03
CA ALA A 17 -6.17 -1.95 10.92
C ALA A 17 -6.84 -1.34 12.14
N PRO A 18 -7.55 -2.13 12.97
CA PRO A 18 -8.18 -1.64 14.21
C PRO A 18 -7.23 -0.80 15.07
N ASN A 19 -5.96 -1.16 15.06
CA ASN A 19 -4.94 -0.45 15.84
C ASN A 19 -4.70 0.96 15.30
N GLY A 20 -5.20 1.24 14.10
CA GLY A 20 -5.06 2.56 13.52
C GLY A 20 -3.88 2.65 12.58
N ARG A 21 -3.07 1.60 12.54
CA ARG A 21 -1.90 1.57 11.70
C ARG A 21 -2.26 1.08 10.31
N PRO A 22 -1.66 1.68 9.28
CA PRO A 22 -1.87 1.26 7.90
C PRO A 22 -0.94 0.13 7.48
N PHE A 23 -1.53 -0.95 6.98
CA PHE A 23 -0.77 -2.02 6.38
C PHE A 23 -1.01 -1.98 4.88
N PHE A 24 -0.11 -2.58 4.12
CA PHE A 24 -0.18 -2.46 2.68
C PHE A 24 -0.26 -3.82 2.03
N ILE A 25 -1.26 -3.97 1.17
CA ILE A 25 -1.47 -5.20 0.44
C ILE A 25 -1.22 -4.99 -1.05
N ASP A 26 -0.51 -5.91 -1.65
CA ASP A 26 -0.25 -5.87 -3.08
C ASP A 26 -1.19 -6.81 -3.80
N HIS A 27 -1.81 -6.31 -4.86
CA HIS A 27 -2.76 -7.11 -5.64
C HIS A 27 -2.06 -7.84 -6.78
N ASN A 28 -0.77 -7.58 -6.96
CA ASN A 28 0.01 -8.24 -8.01
C ASN A 28 0.30 -9.69 -7.64
N THR A 29 0.99 -9.88 -6.53
CA THR A 29 1.29 -11.22 -6.06
C THR A 29 0.41 -11.59 -4.87
N LYS A 30 -0.49 -10.66 -4.54
CA LYS A 30 -1.45 -10.83 -3.46
C LYS A 30 -0.74 -11.08 -2.12
N THR A 31 0.09 -10.14 -1.73
CA THR A 31 0.82 -10.25 -0.47
C THR A 31 0.41 -9.12 0.47
N THR A 32 0.38 -9.43 1.76
CA THR A 32 0.06 -8.44 2.77
C THR A 32 1.17 -8.38 3.80
N THR A 33 1.76 -7.21 3.97
CA THR A 33 2.89 -7.06 4.86
C THR A 33 2.87 -5.67 5.52
N TRP A 34 3.49 -5.57 6.69
CA TRP A 34 3.63 -4.29 7.33
C TRP A 34 4.94 -3.65 6.92
N GLU A 35 4.82 -2.61 6.11
CA GLU A 35 5.96 -1.85 5.63
C GLU A 35 5.44 -0.48 5.20
N ASP A 36 6.34 0.43 4.89
CA ASP A 36 5.91 1.71 4.34
C ASP A 36 6.54 1.92 2.97
N PRO A 37 5.80 1.61 1.89
CA PRO A 37 6.31 1.71 0.52
C PRO A 37 6.64 3.15 0.13
N ARG A 38 6.12 4.10 0.89
CA ARG A 38 6.30 5.51 0.56
C ARG A 38 7.68 5.98 1.00
N LEU A 39 8.27 5.24 1.93
CA LEU A 39 9.61 5.55 2.40
C LEU A 39 10.65 5.05 1.42
N LYS A 40 10.28 4.03 0.66
CA LYS A 40 11.17 3.45 -0.33
C LYS A 40 10.89 4.04 -1.71
N ILE A 41 9.62 4.17 -2.03
CA ILE A 41 9.19 4.64 -3.33
C ILE A 41 8.47 5.98 -3.21
N PRO A 42 9.15 7.06 -3.58
CA PRO A 42 8.58 8.41 -3.52
C PRO A 42 7.85 8.78 -4.81
N ALA A 43 7.02 7.86 -5.29
CA ALA A 43 6.29 8.06 -6.52
C ALA A 43 4.80 8.26 -6.23
N GLY A 1 5.31 6.32 -10.87
CA GLY A 1 4.54 7.40 -10.20
C GLY A 1 3.08 7.06 -10.09
N SER A 2 2.47 7.41 -8.97
CA SER A 2 1.05 7.12 -8.75
C SER A 2 0.35 8.37 -8.22
N MET A 3 0.82 9.54 -8.67
CA MET A 3 0.20 10.80 -8.29
C MET A 3 -1.27 10.80 -8.65
N GLU A 4 -2.11 10.83 -7.62
CA GLU A 4 -3.58 10.70 -7.74
C GLU A 4 -3.98 9.57 -8.70
N GLN A 5 -3.19 8.51 -8.73
CA GLN A 5 -3.51 7.33 -9.54
C GLN A 5 -3.87 6.17 -8.62
N GLY A 6 -4.09 6.48 -7.36
CA GLY A 6 -4.34 5.47 -6.36
C GLY A 6 -3.43 5.62 -5.17
N PHE A 7 -2.49 6.57 -5.28
CA PHE A 7 -1.56 6.93 -4.21
C PHE A 7 -0.45 5.89 -4.09
N LEU A 8 -0.85 4.62 -4.03
CA LEU A 8 0.09 3.52 -3.99
C LEU A 8 0.27 2.97 -5.41
N PRO A 9 1.34 2.20 -5.66
CA PRO A 9 1.57 1.58 -6.97
C PRO A 9 0.41 0.67 -7.36
N LYS A 10 0.26 0.44 -8.66
CA LYS A 10 -0.84 -0.35 -9.18
C LYS A 10 -0.84 -1.75 -8.57
N GLY A 11 -1.98 -2.11 -7.99
CA GLY A 11 -2.09 -3.40 -7.35
C GLY A 11 -1.94 -3.30 -5.85
N TRP A 12 -1.23 -2.29 -5.39
CA TRP A 12 -1.06 -2.06 -3.97
C TRP A 12 -2.26 -1.35 -3.40
N GLU A 13 -2.61 -1.69 -2.18
CA GLU A 13 -3.76 -1.12 -1.51
C GLU A 13 -3.44 -0.92 -0.04
N VAL A 14 -3.83 0.24 0.50
CA VAL A 14 -3.56 0.56 1.89
C VAL A 14 -4.84 0.47 2.72
N ARG A 15 -4.73 -0.15 3.88
CA ARG A 15 -5.87 -0.31 4.77
C ARG A 15 -5.42 -0.08 6.22
N HIS A 16 -6.32 0.46 7.03
CA HIS A 16 -6.01 0.72 8.42
C HIS A 16 -6.37 -0.48 9.29
N ALA A 17 -5.39 -0.98 10.02
CA ALA A 17 -5.60 -2.11 10.92
C ALA A 17 -6.38 -1.67 12.15
N PRO A 18 -6.83 -2.61 13.02
CA PRO A 18 -7.55 -2.26 14.26
C PRO A 18 -6.81 -1.21 15.10
N ASN A 19 -5.48 -1.26 15.06
CA ASN A 19 -4.66 -0.30 15.80
C ASN A 19 -4.64 1.08 15.12
N GLY A 20 -5.19 1.15 13.92
CA GLY A 20 -5.26 2.41 13.21
C GLY A 20 -4.09 2.63 12.28
N ARG A 21 -3.12 1.73 12.34
CA ARG A 21 -1.94 1.83 11.51
C ARG A 21 -2.23 1.21 10.15
N PRO A 22 -1.88 1.90 9.06
CA PRO A 22 -2.13 1.42 7.72
C PRO A 22 -1.13 0.38 7.26
N PHE A 23 -1.64 -0.76 6.82
CA PHE A 23 -0.80 -1.81 6.26
C PHE A 23 -0.97 -1.82 4.74
N PHE A 24 -0.04 -2.45 4.06
CA PHE A 24 -0.04 -2.41 2.61
C PHE A 24 -0.15 -3.81 2.02
N ILE A 25 -1.24 -4.05 1.31
CA ILE A 25 -1.47 -5.32 0.67
C ILE A 25 -1.28 -5.21 -0.83
N ASP A 26 -0.43 -6.07 -1.36
CA ASP A 26 -0.15 -6.08 -2.78
C ASP A 26 -1.00 -7.13 -3.47
N HIS A 27 -1.89 -6.69 -4.33
CA HIS A 27 -2.79 -7.59 -5.04
C HIS A 27 -2.11 -8.15 -6.29
N ASN A 28 -0.87 -7.75 -6.53
CA ASN A 28 -0.10 -8.28 -7.65
C ASN A 28 0.38 -9.68 -7.33
N THR A 29 1.23 -9.79 -6.31
CA THR A 29 1.77 -11.08 -5.92
C THR A 29 0.93 -11.71 -4.81
N LYS A 30 -0.11 -10.97 -4.40
CA LYS A 30 -1.08 -11.44 -3.41
C LYS A 30 -0.43 -11.61 -2.04
N THR A 31 0.11 -10.52 -1.50
CA THR A 31 0.75 -10.56 -0.20
C THR A 31 0.31 -9.38 0.66
N THR A 32 0.47 -9.52 1.96
CA THR A 32 0.15 -8.45 2.89
C THR A 32 1.34 -8.24 3.83
N THR A 33 1.90 -7.04 3.80
CA THR A 33 3.10 -6.75 4.56
C THR A 33 3.07 -5.30 5.06
N TRP A 34 3.93 -4.97 6.01
CA TRP A 34 4.06 -3.60 6.43
C TRP A 34 5.33 -3.00 5.85
N GLU A 35 5.15 -2.18 4.84
CA GLU A 35 6.26 -1.48 4.20
C GLU A 35 5.72 -0.28 3.43
N ASP A 36 5.76 0.88 4.05
CA ASP A 36 5.28 2.10 3.42
C ASP A 36 6.15 2.45 2.22
N PRO A 37 5.58 2.36 1.01
CA PRO A 37 6.32 2.61 -0.24
C PRO A 37 6.82 4.05 -0.37
N ARG A 38 6.29 4.94 0.46
CA ARG A 38 6.73 6.33 0.44
C ARG A 38 7.95 6.49 1.34
N LEU A 39 7.89 5.87 2.49
CA LEU A 39 8.89 6.06 3.52
C LEU A 39 10.07 5.11 3.37
N LYS A 40 9.79 3.89 2.94
CA LYS A 40 10.83 2.88 2.78
C LYS A 40 11.43 2.91 1.38
N ILE A 41 10.61 3.34 0.43
CA ILE A 41 11.04 3.41 -0.95
C ILE A 41 11.23 4.86 -1.35
N PRO A 42 12.34 5.20 -2.02
CA PRO A 42 12.62 6.56 -2.49
C PRO A 42 11.67 6.98 -3.62
N ALA A 43 10.41 7.15 -3.28
CA ALA A 43 9.42 7.60 -4.23
C ALA A 43 9.29 9.13 -4.16
#